data_3K9E
#
_entry.id   3K9E
#
_cell.length_a   63.733
_cell.length_b   87.668
_cell.length_c   112.458
_cell.angle_alpha   90.00
_cell.angle_beta   90.00
_cell.angle_gamma   90.00
#
_symmetry.space_group_name_H-M   'P 21 21 21'
#
loop_
_entity.id
_entity.type
_entity.pdbx_description
1 polymer 'PUTATIVE RIBOKINASE II'
2 water water
#
_entity_poly.entity_id   1
_entity_poly.type   'polypeptide(L)'
_entity_poly.pdbx_seq_one_letter_code
;(MSE)SLSKVFTIGEILVEI(MSE)ASKIGQPFDQPGIWNGPYPSGAPAIFIDQVTRLGVPCGIISCVGNDGFGDINIHR
LAADGVDIRGISVLPLEATGSAFVTYHNSGDRDFIFNIKNAACGKLSAQHVDENILKDCTHFHI(MSE)GSSLFSFH
(MSE)VDAVKKAVTIVKANGGVISFDPNIRKE(MSE)LDIPE(MSE)RDALHFVLELTDIY(MSE)PSEGEVLLLSPHST
PERAIAGFLEEGVKEVIVKRGNQGASYYSANEQFHVESYPVEEVDPTGAGDCFGGAWIACRQLGFDAHRALQYANACGAL
AVTRRGP(MSE)EGTSRL(MSE)EIETFIQRHD(MSE)SIREAAQEGHHHHHH
;
_entity_poly.pdbx_strand_id   A,B
#
# COMPACT_ATOMS: atom_id res chain seq x y z
N SER A 4 -12.48 -30.87 16.52
CA SER A 4 -11.01 -30.64 16.69
C SER A 4 -10.48 -29.79 15.53
N LYS A 5 -10.71 -28.49 15.62
CA LYS A 5 -10.29 -27.56 14.58
C LYS A 5 -9.29 -26.53 15.11
N VAL A 6 -8.29 -26.23 14.29
CA VAL A 6 -7.26 -25.26 14.66
C VAL A 6 -7.53 -23.91 13.99
N PHE A 7 -7.45 -22.82 14.77
CA PHE A 7 -7.68 -21.47 14.26
C PHE A 7 -6.51 -20.57 14.60
N THR A 8 -6.31 -19.54 13.78
CA THR A 8 -5.31 -18.54 14.07
C THR A 8 -6.00 -17.24 13.70
N ILE A 9 -5.31 -16.13 13.86
CA ILE A 9 -5.91 -14.84 13.57
C ILE A 9 -4.78 -13.88 13.27
N GLY A 10 -5.06 -12.84 12.51
CA GLY A 10 -4.01 -11.89 12.24
C GLY A 10 -3.94 -11.34 10.83
N GLU A 11 -2.78 -10.78 10.51
CA GLU A 11 -2.54 -10.18 9.21
C GLU A 11 -2.43 -11.14 8.03
N ILE A 12 -3.09 -10.78 6.96
CA ILE A 12 -3.02 -11.52 5.72
C ILE A 12 -2.59 -10.44 4.74
N LEU A 13 -1.58 -10.72 3.93
CA LEU A 13 -1.09 -9.74 2.98
C LEU A 13 -0.43 -10.39 1.78
N VAL A 14 -0.04 -9.56 0.81
CA VAL A 14 0.65 -10.09 -0.36
C VAL A 14 2.07 -9.56 -0.32
N GLU A 15 3.00 -10.37 -0.81
CA GLU A 15 4.39 -9.93 -0.84
C GLU A 15 4.81 -9.75 -2.29
N ILE A 16 5.54 -8.66 -2.55
CA ILE A 16 6.05 -8.32 -3.88
C ILE A 16 7.58 -8.44 -3.71
N MSE A 17 8.21 -9.30 -4.51
CA MSE A 17 9.65 -9.52 -4.39
C MSE A 17 10.55 -8.97 -5.48
O MSE A 17 10.28 -9.15 -6.67
CB MSE A 17 9.92 -11.03 -4.26
CG MSE A 17 9.19 -11.70 -3.11
SE MSE A 17 9.57 -13.60 -3.05
CE MSE A 17 11.37 -13.51 -2.34
N ALA A 18 11.64 -8.33 -5.09
CA ALA A 18 12.59 -7.79 -6.06
C ALA A 18 13.09 -8.94 -6.92
N SER A 19 13.33 -8.67 -8.19
CA SER A 19 13.80 -9.70 -9.13
C SER A 19 15.30 -9.94 -9.01
N LYS A 20 16.03 -8.94 -8.55
CA LYS A 20 17.49 -9.05 -8.43
C LYS A 20 18.00 -8.70 -7.06
N ILE A 21 19.06 -9.38 -6.64
CA ILE A 21 19.69 -9.13 -5.36
C ILE A 21 20.30 -7.74 -5.48
N GLY A 22 20.24 -6.97 -4.41
CA GLY A 22 20.80 -5.63 -4.43
C GLY A 22 19.91 -4.60 -5.10
N GLN A 23 18.76 -5.04 -5.61
CA GLN A 23 17.81 -4.14 -6.27
C GLN A 23 17.23 -3.15 -5.26
N PRO A 24 17.28 -1.85 -5.57
CA PRO A 24 16.75 -0.82 -4.67
C PRO A 24 15.25 -0.55 -4.76
N PHE A 25 14.73 0.16 -3.77
CA PHE A 25 13.32 0.52 -3.73
C PHE A 25 13.09 1.86 -4.45
N ASP A 26 14.15 2.64 -4.63
CA ASP A 26 14.02 3.96 -5.25
C ASP A 26 14.46 4.09 -6.71
N GLN A 27 14.41 2.99 -7.46
CA GLN A 27 14.79 3.00 -8.86
C GLN A 27 13.79 2.09 -9.56
N PRO A 28 13.39 2.44 -10.79
CA PRO A 28 12.43 1.63 -11.57
C PRO A 28 13.03 0.25 -11.83
N GLY A 29 12.30 -0.82 -11.50
CA GLY A 29 12.82 -2.15 -11.73
C GLY A 29 11.77 -3.20 -12.05
N ILE A 30 12.16 -4.46 -11.92
CA ILE A 30 11.26 -5.58 -12.16
C ILE A 30 10.96 -6.26 -10.83
N TRP A 31 9.67 -6.57 -10.61
CA TRP A 31 9.22 -7.21 -9.39
C TRP A 31 8.37 -8.43 -9.69
N ASN A 32 8.42 -9.40 -8.78
CA ASN A 32 7.66 -10.63 -8.91
C ASN A 32 6.59 -10.66 -7.83
N GLY A 33 5.38 -11.09 -8.19
CA GLY A 33 4.31 -11.15 -7.23
C GLY A 33 2.96 -10.86 -7.84
N PRO A 34 1.90 -10.75 -7.02
CA PRO A 34 1.95 -10.90 -5.56
C PRO A 34 2.01 -12.36 -5.11
N TYR A 35 2.52 -12.60 -3.91
CA TYR A 35 2.58 -13.94 -3.30
C TYR A 35 1.83 -13.87 -1.99
N PRO A 36 0.97 -14.86 -1.71
CA PRO A 36 0.19 -14.87 -0.46
C PRO A 36 1.16 -14.80 0.71
N SER A 37 0.83 -14.03 1.74
CA SER A 37 1.74 -13.91 2.86
C SER A 37 1.07 -13.55 4.17
N GLY A 38 1.89 -13.33 5.19
CA GLY A 38 1.38 -12.99 6.52
C GLY A 38 1.58 -14.21 7.40
N ALA A 39 2.32 -14.04 8.50
CA ALA A 39 2.64 -15.13 9.43
C ALA A 39 1.49 -16.09 9.78
N PRO A 40 0.32 -15.56 10.18
CA PRO A 40 -0.82 -16.41 10.53
C PRO A 40 -1.26 -17.25 9.33
N ALA A 41 -1.34 -16.61 8.16
CA ALA A 41 -1.74 -17.30 6.93
C ALA A 41 -0.75 -18.40 6.55
N ILE A 42 0.53 -18.12 6.69
CA ILE A 42 1.56 -19.11 6.34
C ILE A 42 1.47 -20.28 7.30
N PHE A 43 1.33 -19.97 8.58
CA PHE A 43 1.18 -20.97 9.62
C PHE A 43 -0.05 -21.84 9.34
N ILE A 44 -1.21 -21.21 9.13
CA ILE A 44 -2.44 -21.98 8.89
C ILE A 44 -2.38 -22.81 7.59
N ASP A 45 -1.72 -22.30 6.56
CA ASP A 45 -1.60 -23.05 5.32
C ASP A 45 -0.83 -24.35 5.59
N GLN A 46 0.24 -24.27 6.35
CA GLN A 46 1.04 -25.45 6.70
C GLN A 46 0.20 -26.46 7.48
N VAL A 47 -0.72 -25.96 8.30
CA VAL A 47 -1.58 -26.84 9.09
C VAL A 47 -2.53 -27.60 8.19
N THR A 48 -3.20 -26.89 7.30
CA THR A 48 -4.14 -27.58 6.45
C THR A 48 -3.45 -28.56 5.51
N ARG A 49 -2.25 -28.22 5.06
CA ARG A 49 -1.54 -29.10 4.14
C ARG A 49 -1.13 -30.43 4.76
N LEU A 50 -1.14 -30.51 6.08
CA LEU A 50 -0.81 -31.73 6.80
C LEU A 50 -2.10 -32.51 7.14
N GLY A 51 -3.22 -32.03 6.61
CA GLY A 51 -4.50 -32.70 6.82
C GLY A 51 -5.26 -32.42 8.11
N VAL A 52 -5.02 -31.29 8.75
CA VAL A 52 -5.72 -30.94 9.99
C VAL A 52 -6.72 -29.82 9.70
N PRO A 53 -7.99 -30.02 10.10
CA PRO A 53 -8.99 -28.98 9.85
C PRO A 53 -8.60 -27.67 10.56
N CYS A 54 -8.81 -26.55 9.89
CA CYS A 54 -8.43 -25.26 10.46
C CYS A 54 -9.11 -24.05 9.81
N GLY A 55 -8.97 -22.91 10.46
CA GLY A 55 -9.56 -21.68 9.97
C GLY A 55 -8.71 -20.48 10.39
N ILE A 56 -9.09 -19.31 9.91
CA ILE A 56 -8.36 -18.10 10.22
C ILE A 56 -9.29 -16.89 10.23
N ILE A 57 -9.00 -15.95 11.12
CA ILE A 57 -9.79 -14.74 11.24
C ILE A 57 -8.86 -13.59 10.85
N SER A 58 -9.24 -12.87 9.80
CA SER A 58 -8.43 -11.77 9.31
C SER A 58 -9.29 -10.84 8.46
N CYS A 59 -8.67 -9.77 7.97
CA CYS A 59 -9.35 -8.79 7.14
C CYS A 59 -8.52 -8.45 5.91
N VAL A 60 -9.16 -8.40 4.75
CA VAL A 60 -8.48 -8.04 3.51
C VAL A 60 -9.36 -7.04 2.79
N GLY A 61 -8.85 -6.47 1.70
CA GLY A 61 -9.65 -5.53 0.95
C GLY A 61 -10.43 -6.24 -0.14
N ASN A 62 -11.33 -5.53 -0.80
CA ASN A 62 -12.11 -6.12 -1.88
C ASN A 62 -11.33 -5.89 -3.16
N ASP A 63 -10.17 -6.56 -3.25
CA ASP A 63 -9.30 -6.45 -4.41
C ASP A 63 -8.58 -7.76 -4.70
N GLY A 64 -7.86 -7.80 -5.82
CA GLY A 64 -7.16 -9.00 -6.24
C GLY A 64 -6.14 -9.53 -5.25
N PHE A 65 -5.53 -8.62 -4.48
CA PHE A 65 -4.54 -9.02 -3.49
C PHE A 65 -5.25 -9.76 -2.37
N GLY A 66 -6.48 -9.33 -2.07
CA GLY A 66 -7.27 -9.99 -1.06
C GLY A 66 -7.71 -11.33 -1.60
N ASP A 67 -8.04 -11.37 -2.89
CA ASP A 67 -8.50 -12.62 -3.50
C ASP A 67 -7.44 -13.70 -3.66
N ILE A 68 -6.21 -13.32 -3.97
CA ILE A 68 -5.19 -14.32 -4.15
C ILE A 68 -4.96 -15.09 -2.83
N ASN A 69 -5.06 -14.37 -1.71
CA ASN A 69 -4.89 -15.00 -0.39
C ASN A 69 -6.07 -15.91 -0.05
N ILE A 70 -7.28 -15.37 -0.14
CA ILE A 70 -8.49 -16.14 0.14
C ILE A 70 -8.53 -17.41 -0.70
N HIS A 71 -8.25 -17.27 -1.99
CA HIS A 71 -8.30 -18.41 -2.88
C HIS A 71 -7.23 -19.48 -2.56
N ARG A 72 -6.01 -19.04 -2.28
CA ARG A 72 -4.94 -19.98 -1.95
C ARG A 72 -5.33 -20.80 -0.71
N LEU A 73 -5.72 -20.12 0.36
CA LEU A 73 -6.10 -20.80 1.60
C LEU A 73 -7.31 -21.71 1.39
N ALA A 74 -8.33 -21.19 0.73
CA ALA A 74 -9.54 -21.98 0.49
C ALA A 74 -9.21 -23.24 -0.30
N ALA A 75 -8.46 -23.09 -1.39
CA ALA A 75 -8.09 -24.25 -2.22
C ALA A 75 -7.23 -25.25 -1.45
N ASP A 76 -6.50 -24.79 -0.44
CA ASP A 76 -5.67 -25.71 0.34
C ASP A 76 -6.48 -26.38 1.45
N GLY A 77 -7.75 -26.02 1.57
CA GLY A 77 -8.61 -26.62 2.58
C GLY A 77 -8.93 -25.84 3.85
N VAL A 78 -8.40 -24.63 3.94
CA VAL A 78 -8.63 -23.77 5.10
C VAL A 78 -10.05 -23.18 5.14
N ASP A 79 -10.62 -23.11 6.34
CA ASP A 79 -11.96 -22.53 6.53
C ASP A 79 -11.75 -21.00 6.49
N ILE A 80 -12.21 -20.35 5.43
CA ILE A 80 -12.04 -18.91 5.27
C ILE A 80 -13.25 -18.02 5.62
N ARG A 81 -14.25 -18.59 6.28
CA ARG A 81 -15.45 -17.82 6.69
C ARG A 81 -15.05 -16.65 7.60
N GLY A 82 -13.93 -16.82 8.30
CA GLY A 82 -13.45 -15.80 9.22
C GLY A 82 -12.74 -14.63 8.56
N ILE A 83 -12.49 -14.71 7.27
CA ILE A 83 -11.83 -13.62 6.57
C ILE A 83 -12.85 -12.59 6.11
N SER A 84 -12.85 -11.42 6.75
CA SER A 84 -13.77 -10.36 6.38
C SER A 84 -13.18 -9.52 5.26
N VAL A 85 -14.03 -9.09 4.33
CA VAL A 85 -13.58 -8.26 3.22
C VAL A 85 -14.03 -6.82 3.46
N LEU A 86 -13.08 -5.91 3.50
CA LEU A 86 -13.34 -4.50 3.74
C LEU A 86 -13.24 -3.68 2.45
N PRO A 87 -14.39 -3.23 1.93
CA PRO A 87 -14.54 -2.42 0.70
C PRO A 87 -13.71 -1.15 0.62
N LEU A 88 -13.60 -0.44 1.74
CA LEU A 88 -12.86 0.81 1.77
C LEU A 88 -11.38 0.68 2.13
N GLU A 89 -10.92 -0.55 2.34
CA GLU A 89 -9.52 -0.77 2.70
C GLU A 89 -8.76 -1.56 1.65
N ALA A 90 -7.47 -1.28 1.52
CA ALA A 90 -6.63 -2.01 0.58
C ALA A 90 -6.03 -3.19 1.34
N THR A 91 -5.91 -4.33 0.69
CA THR A 91 -5.33 -5.49 1.33
C THR A 91 -3.88 -5.10 1.64
N GLY A 92 -3.35 -5.59 2.76
CA GLY A 92 -1.99 -5.24 3.12
C GLY A 92 -0.97 -5.79 2.13
N SER A 93 0.21 -5.15 2.08
CA SER A 93 1.25 -5.61 1.18
C SER A 93 2.64 -5.37 1.77
N ALA A 94 3.64 -5.97 1.16
CA ALA A 94 5.02 -5.83 1.60
C ALA A 94 5.96 -6.04 0.42
N PHE A 95 6.81 -5.05 0.17
CA PHE A 95 7.81 -5.13 -0.88
C PHE A 95 9.11 -5.54 -0.18
N VAL A 96 9.83 -6.49 -0.76
CA VAL A 96 11.06 -6.94 -0.16
C VAL A 96 12.19 -7.05 -1.17
N THR A 97 13.40 -6.76 -0.71
CA THR A 97 14.60 -6.86 -1.53
C THR A 97 15.70 -7.47 -0.67
N TYR A 98 16.64 -8.15 -1.33
CA TYR A 98 17.74 -8.80 -0.63
C TYR A 98 19.09 -8.13 -0.82
N HIS A 99 20.08 -8.63 -0.08
CA HIS A 99 21.45 -8.15 -0.15
C HIS A 99 22.38 -9.35 0.03
N ASN A 100 23.57 -9.12 0.59
CA ASN A 100 24.52 -10.21 0.82
C ASN A 100 24.88 -10.94 -0.47
N ARG A 104 15.67 -9.04 3.23
CA ARG A 104 16.50 -8.22 4.12
C ARG A 104 15.86 -6.86 4.40
N ASP A 105 15.35 -6.21 3.36
CA ASP A 105 14.70 -4.91 3.52
C ASP A 105 13.27 -4.90 2.99
N PHE A 106 12.39 -4.18 3.67
CA PHE A 106 10.97 -4.13 3.29
C PHE A 106 10.33 -2.75 3.30
N ILE A 107 9.19 -2.66 2.63
CA ILE A 107 8.35 -1.47 2.64
C ILE A 107 7.01 -2.12 2.95
N PHE A 108 6.51 -1.87 4.16
CA PHE A 108 5.27 -2.46 4.64
C PHE A 108 4.06 -1.56 4.61
N ASN A 109 2.92 -2.15 4.25
CA ASN A 109 1.64 -1.45 4.32
C ASN A 109 0.73 -2.49 5.00
N ILE A 110 0.78 -2.50 6.32
CA ILE A 110 0.00 -3.43 7.13
C ILE A 110 -0.84 -2.68 8.16
N LYS A 111 -0.16 -1.87 8.98
CA LYS A 111 -0.82 -1.07 10.01
C LYS A 111 -2.01 -0.25 9.51
N ASN A 112 -1.79 0.48 8.44
CA ASN A 112 -2.80 1.35 7.86
C ASN A 112 -3.54 0.70 6.69
N ALA A 113 -3.46 -0.62 6.61
CA ALA A 113 -4.13 -1.39 5.56
C ALA A 113 -5.28 -2.20 6.16
N ALA A 114 -6.01 -2.90 5.28
CA ALA A 114 -7.15 -3.70 5.71
C ALA A 114 -6.85 -4.58 6.91
N CYS A 115 -5.77 -5.36 6.85
CA CYS A 115 -5.42 -6.23 7.96
C CYS A 115 -5.25 -5.46 9.26
N GLY A 116 -5.04 -4.15 9.16
CA GLY A 116 -4.89 -3.35 10.37
C GLY A 116 -6.22 -2.88 10.95
N LYS A 117 -7.33 -3.29 10.35
CA LYS A 117 -8.65 -2.87 10.82
C LYS A 117 -9.35 -3.97 11.60
N LEU A 118 -8.68 -5.11 11.72
CA LEU A 118 -9.23 -6.25 12.43
C LEU A 118 -9.52 -5.84 13.88
N SER A 119 -10.73 -6.11 14.34
CA SER A 119 -11.12 -5.76 15.71
C SER A 119 -12.07 -6.80 16.28
N ALA A 120 -12.45 -6.62 17.55
CA ALA A 120 -13.35 -7.53 18.23
C ALA A 120 -14.63 -7.77 17.43
N GLN A 121 -15.04 -6.75 16.67
CA GLN A 121 -16.24 -6.85 15.86
C GLN A 121 -16.13 -7.91 14.77
N HIS A 122 -14.90 -8.16 14.31
CA HIS A 122 -14.68 -9.17 13.27
C HIS A 122 -14.46 -10.56 13.81
N VAL A 123 -14.54 -10.72 15.12
CA VAL A 123 -14.37 -12.04 15.73
C VAL A 123 -15.77 -12.58 16.06
N ASP A 124 -16.17 -13.61 15.33
CA ASP A 124 -17.47 -14.23 15.51
C ASP A 124 -17.36 -15.44 16.40
N GLU A 125 -17.87 -15.28 17.61
CA GLU A 125 -17.88 -16.30 18.64
C GLU A 125 -18.36 -17.62 18.04
N ASN A 126 -19.27 -17.52 17.09
CA ASN A 126 -19.84 -18.68 16.43
C ASN A 126 -18.86 -19.43 15.55
N ILE A 127 -17.94 -18.69 14.95
CA ILE A 127 -16.95 -19.26 14.08
C ILE A 127 -15.97 -20.10 14.90
N LEU A 128 -15.84 -19.77 16.18
CA LEU A 128 -14.93 -20.48 17.06
C LEU A 128 -15.61 -21.54 17.91
N LYS A 129 -16.89 -21.80 17.66
CA LYS A 129 -17.61 -22.78 18.48
C LYS A 129 -16.93 -24.15 18.57
N ASP A 130 -16.32 -24.61 17.48
CA ASP A 130 -15.66 -25.92 17.49
C ASP A 130 -14.15 -25.83 17.45
N CYS A 131 -13.61 -24.69 17.90
CA CYS A 131 -12.18 -24.52 17.92
C CYS A 131 -11.56 -25.14 19.17
N THR A 132 -10.67 -26.10 18.98
CA THR A 132 -10.01 -26.79 20.09
C THR A 132 -8.62 -26.24 20.36
N HIS A 133 -8.06 -25.54 19.39
CA HIS A 133 -6.72 -24.99 19.55
C HIS A 133 -6.63 -23.66 18.80
N PHE A 134 -6.16 -22.62 19.47
CA PHE A 134 -6.06 -21.29 18.87
C PHE A 134 -4.62 -20.82 18.96
N HIS A 135 -4.05 -20.43 17.83
CA HIS A 135 -2.66 -19.98 17.79
C HIS A 135 -2.55 -18.49 17.54
N ILE A 136 -1.66 -17.84 18.28
CA ILE A 136 -1.46 -16.41 18.15
C ILE A 136 -0.04 -16.09 17.69
N MSE A 137 0.07 -15.21 16.71
CA MSE A 137 1.38 -14.79 16.22
C MSE A 137 1.64 -13.43 16.85
O MSE A 137 0.79 -12.53 16.76
CB MSE A 137 1.37 -14.66 14.70
CG MSE A 137 1.36 -16.00 13.97
SE MSE A 137 3.06 -16.91 14.18
CE MSE A 137 2.90 -18.17 12.72
N GLY A 138 2.78 -13.28 17.50
CA GLY A 138 3.12 -12.01 18.13
C GLY A 138 3.17 -10.86 17.14
N SER A 139 3.58 -11.14 15.90
CA SER A 139 3.65 -10.10 14.87
C SER A 139 2.30 -9.41 14.64
N SER A 140 1.22 -10.07 15.02
CA SER A 140 -0.11 -9.52 14.82
C SER A 140 -0.50 -8.41 15.79
N LEU A 141 0.20 -8.31 16.91
CA LEU A 141 -0.15 -7.29 17.90
C LEU A 141 0.52 -5.93 17.63
N PHE A 142 -0.06 -5.13 16.74
CA PHE A 142 0.50 -3.83 16.41
C PHE A 142 -0.48 -2.66 16.62
N SER A 143 -1.67 -2.95 17.13
CA SER A 143 -2.64 -1.89 17.40
C SER A 143 -3.69 -2.35 18.39
N PHE A 144 -4.26 -1.37 19.10
CA PHE A 144 -5.29 -1.64 20.08
C PHE A 144 -6.38 -2.55 19.53
N HIS A 145 -6.86 -2.24 18.32
CA HIS A 145 -7.91 -3.07 17.73
C HIS A 145 -7.48 -4.51 17.49
N MSE A 146 -6.23 -4.71 17.08
CA MSE A 146 -5.72 -6.06 16.86
C MSE A 146 -5.71 -6.79 18.19
O MSE A 146 -6.12 -7.94 18.27
CB MSE A 146 -4.28 -6.03 16.33
CG MSE A 146 -4.05 -5.28 15.02
SE MSE A 146 -5.09 -5.97 13.54
CE MSE A 146 -4.76 -7.87 13.80
N VAL A 147 -5.25 -6.10 19.23
CA VAL A 147 -5.19 -6.67 20.57
C VAL A 147 -6.57 -7.06 21.08
N ASP A 148 -7.56 -6.21 20.82
CA ASP A 148 -8.93 -6.51 21.24
C ASP A 148 -9.48 -7.73 20.54
N ALA A 149 -9.11 -7.91 19.27
CA ALA A 149 -9.59 -9.05 18.51
C ALA A 149 -8.98 -10.32 19.10
N VAL A 150 -7.67 -10.29 19.31
CA VAL A 150 -6.94 -11.41 19.88
C VAL A 150 -7.45 -11.79 21.27
N LYS A 151 -7.70 -10.79 22.10
CA LYS A 151 -8.20 -11.02 23.45
C LYS A 151 -9.57 -11.68 23.47
N LYS A 152 -10.44 -11.23 22.57
CA LYS A 152 -11.78 -11.79 22.51
C LYS A 152 -11.71 -13.24 22.08
N ALA A 153 -10.95 -13.50 21.01
CA ALA A 153 -10.79 -14.85 20.47
C ALA A 153 -10.17 -15.81 21.46
N VAL A 154 -9.05 -15.41 22.06
CA VAL A 154 -8.37 -16.25 23.04
C VAL A 154 -9.26 -16.62 24.22
N THR A 155 -9.94 -15.63 24.81
CA THR A 155 -10.81 -15.92 25.95
C THR A 155 -11.98 -16.83 25.61
N ILE A 156 -12.54 -16.67 24.41
CA ILE A 156 -13.63 -17.54 23.99
C ILE A 156 -13.12 -18.98 23.97
N VAL A 157 -12.04 -19.21 23.22
CA VAL A 157 -11.49 -20.55 23.12
C VAL A 157 -11.02 -21.10 24.47
N LYS A 158 -10.35 -20.27 25.25
CA LYS A 158 -9.88 -20.70 26.56
C LYS A 158 -11.05 -21.07 27.46
N ALA A 159 -12.10 -20.24 27.48
CA ALA A 159 -13.27 -20.52 28.30
C ALA A 159 -13.98 -21.79 27.82
N ASN A 160 -13.78 -22.14 26.56
CA ASN A 160 -14.42 -23.33 26.01
C ASN A 160 -13.53 -24.57 26.15
N GLY A 161 -12.52 -24.48 27.01
CA GLY A 161 -11.63 -25.60 27.23
C GLY A 161 -10.58 -25.83 26.15
N GLY A 162 -10.37 -24.86 25.26
CA GLY A 162 -9.39 -25.04 24.20
C GLY A 162 -7.94 -24.76 24.60
N VAL A 163 -7.01 -25.20 23.76
CA VAL A 163 -5.59 -25.01 24.00
C VAL A 163 -5.08 -23.78 23.24
N ILE A 164 -4.21 -23.00 23.88
CA ILE A 164 -3.65 -21.80 23.29
C ILE A 164 -2.14 -21.94 23.01
N SER A 165 -1.73 -21.68 21.76
CA SER A 165 -0.32 -21.74 21.39
C SER A 165 0.05 -20.30 21.03
N PHE A 166 1.30 -19.92 21.29
CA PHE A 166 1.73 -18.55 21.05
C PHE A 166 3.18 -18.48 20.58
N ASP A 167 3.36 -17.87 19.41
CA ASP A 167 4.69 -17.69 18.82
C ASP A 167 5.00 -16.20 18.89
N PRO A 168 5.94 -15.80 19.76
CA PRO A 168 6.28 -14.38 19.88
C PRO A 168 7.18 -13.83 18.76
N ASN A 169 6.76 -14.00 17.51
CA ASN A 169 7.54 -13.53 16.34
C ASN A 169 7.37 -12.03 16.15
N ILE A 170 7.59 -11.28 17.22
CA ILE A 170 7.42 -9.82 17.19
C ILE A 170 8.60 -9.01 16.68
N ARG A 171 8.33 -7.72 16.47
CA ARG A 171 9.36 -6.77 16.07
C ARG A 171 9.73 -6.20 17.44
N LYS A 172 11.00 -6.29 17.80
CA LYS A 172 11.48 -5.81 19.09
C LYS A 172 10.94 -4.42 19.47
N GLU A 173 10.66 -3.60 18.47
CA GLU A 173 10.12 -2.25 18.69
C GLU A 173 8.92 -2.27 19.64
N MSE A 174 7.95 -3.11 19.32
CA MSE A 174 6.73 -3.22 20.10
C MSE A 174 6.96 -3.33 21.61
O MSE A 174 6.10 -2.96 22.40
CB MSE A 174 5.89 -4.39 19.60
CG MSE A 174 5.49 -4.30 18.12
SE MSE A 174 4.36 -2.78 17.63
CE MSE A 174 5.73 -1.58 16.97
N LEU A 175 8.12 -3.87 22.01
CA LEU A 175 8.41 -4.03 23.43
C LEU A 175 8.60 -2.70 24.14
N ASP A 176 8.94 -1.65 23.39
CA ASP A 176 9.12 -0.34 24.00
C ASP A 176 7.80 0.41 24.16
N ILE A 177 6.73 -0.17 23.63
CA ILE A 177 5.40 0.41 23.74
C ILE A 177 4.64 -0.36 24.82
N PRO A 178 4.45 0.26 26.00
CA PRO A 178 3.74 -0.38 27.12
C PRO A 178 2.45 -1.13 26.74
N GLU A 179 1.54 -0.47 26.04
CA GLU A 179 0.28 -1.13 25.66
C GLU A 179 0.55 -2.44 24.92
N MSE A 180 1.48 -2.43 23.98
CA MSE A 180 1.80 -3.63 23.22
C MSE A 180 2.59 -4.63 24.07
O MSE A 180 2.42 -5.84 23.93
CB MSE A 180 2.58 -3.28 21.96
CG MSE A 180 1.80 -2.44 20.95
SE MSE A 180 0.17 -3.31 20.29
CE MSE A 180 -1.17 -2.16 21.09
N ARG A 181 3.44 -4.12 24.96
CA ARG A 181 4.22 -4.98 25.85
C ARG A 181 3.22 -5.74 26.74
N ASP A 182 2.27 -5.00 27.29
CA ASP A 182 1.26 -5.58 28.15
C ASP A 182 0.37 -6.59 27.43
N ALA A 183 0.11 -6.36 26.13
CA ALA A 183 -0.72 -7.27 25.36
C ALA A 183 -0.02 -8.62 25.15
N LEU A 184 1.29 -8.58 24.95
CA LEU A 184 2.08 -9.79 24.74
C LEU A 184 2.05 -10.64 26.01
N HIS A 185 2.03 -9.97 27.16
CA HIS A 185 1.97 -10.68 28.43
C HIS A 185 0.58 -11.27 28.63
N PHE A 186 -0.44 -10.56 28.16
CA PHE A 186 -1.80 -11.05 28.29
C PHE A 186 -1.84 -12.45 27.68
N VAL A 187 -1.39 -12.56 26.44
CA VAL A 187 -1.38 -13.83 25.72
C VAL A 187 -0.56 -14.87 26.46
N LEU A 188 0.65 -14.50 26.86
CA LEU A 188 1.52 -15.42 27.56
C LEU A 188 0.86 -16.00 28.80
N GLU A 189 0.10 -15.15 29.48
CA GLU A 189 -0.60 -15.53 30.70
C GLU A 189 -1.58 -16.67 30.45
N LEU A 190 -2.16 -16.70 29.25
CA LEU A 190 -3.13 -17.74 28.92
C LEU A 190 -2.59 -18.80 27.97
N THR A 191 -1.28 -18.81 27.77
CA THR A 191 -0.66 -19.75 26.85
C THR A 191 -0.34 -21.13 27.42
N ASP A 192 -0.67 -22.16 26.65
CA ASP A 192 -0.39 -23.53 27.05
C ASP A 192 0.90 -23.96 26.36
N ILE A 193 1.01 -23.61 25.09
CA ILE A 193 2.18 -23.96 24.27
C ILE A 193 2.87 -22.68 23.79
N TYR A 194 4.06 -22.41 24.32
CA TYR A 194 4.84 -21.23 23.97
C TYR A 194 5.96 -21.65 23.03
N MSE A 195 6.07 -20.99 21.88
CA MSE A 195 7.07 -21.35 20.88
C MSE A 195 8.04 -20.23 20.45
O MSE A 195 8.11 -19.88 19.28
CB MSE A 195 6.34 -21.90 19.65
CG MSE A 195 5.39 -23.04 20.00
SE MSE A 195 4.26 -23.66 18.54
CE MSE A 195 5.57 -24.71 17.58
N PRO A 196 8.82 -19.71 21.40
CA PRO A 196 9.77 -18.65 21.05
C PRO A 196 10.98 -19.17 20.29
N SER A 197 11.60 -18.30 19.48
CA SER A 197 12.81 -18.68 18.77
C SER A 197 13.86 -18.41 19.84
N GLU A 198 15.06 -18.93 19.67
CA GLU A 198 16.10 -18.71 20.67
C GLU A 198 16.26 -17.22 21.06
N GLY A 199 16.19 -16.32 20.09
CA GLY A 199 16.34 -14.91 20.40
C GLY A 199 15.13 -14.24 21.05
N GLU A 200 14.03 -14.97 21.19
CA GLU A 200 12.84 -14.38 21.78
C GLU A 200 12.54 -14.95 23.16
N VAL A 201 13.34 -15.91 23.59
CA VAL A 201 13.14 -16.55 24.88
C VAL A 201 13.08 -15.62 26.09
N LEU A 202 14.00 -14.65 26.16
CA LEU A 202 14.06 -13.73 27.30
C LEU A 202 13.15 -12.51 27.20
N LEU A 203 12.61 -12.27 26.01
CA LEU A 203 11.74 -11.11 25.77
C LEU A 203 10.64 -10.90 26.79
N LEU A 204 9.88 -11.94 27.08
CA LEU A 204 8.76 -11.81 28.03
C LEU A 204 9.02 -12.45 29.38
N SER A 205 10.29 -12.51 29.76
CA SER A 205 10.66 -13.11 31.03
C SER A 205 11.43 -12.12 31.90
N PRO A 206 11.21 -12.15 33.23
CA PRO A 206 11.91 -11.24 34.14
C PRO A 206 13.30 -11.80 34.44
N HIS A 207 13.55 -13.00 33.93
CA HIS A 207 14.82 -13.67 34.15
C HIS A 207 15.82 -13.35 33.05
N SER A 208 17.10 -13.33 33.40
CA SER A 208 18.17 -12.99 32.46
C SER A 208 18.83 -14.17 31.75
N THR A 209 18.50 -15.39 32.14
CA THR A 209 19.06 -16.55 31.46
C THR A 209 17.94 -17.42 30.92
N PRO A 210 18.15 -18.04 29.76
CA PRO A 210 17.18 -18.91 29.09
C PRO A 210 16.74 -20.12 29.92
N GLU A 211 17.67 -20.75 30.63
CA GLU A 211 17.32 -21.90 31.46
C GLU A 211 16.31 -21.43 32.52
N ARG A 212 16.64 -20.29 33.13
CA ARG A 212 15.80 -19.70 34.17
C ARG A 212 14.47 -19.18 33.61
N ALA A 213 14.50 -18.66 32.38
CA ALA A 213 13.32 -18.13 31.73
C ALA A 213 12.34 -19.25 31.39
N ILE A 214 12.85 -20.29 30.73
CA ILE A 214 12.02 -21.43 30.35
C ILE A 214 11.39 -22.00 31.61
N ALA A 215 12.21 -22.17 32.65
CA ALA A 215 11.71 -22.70 33.92
C ALA A 215 10.60 -21.80 34.44
N GLY A 216 10.80 -20.49 34.35
CA GLY A 216 9.78 -19.56 34.82
C GLY A 216 8.45 -19.72 34.09
N PHE A 217 8.50 -19.87 32.77
CA PHE A 217 7.29 -20.02 31.98
C PHE A 217 6.48 -21.26 32.40
N LEU A 218 7.17 -22.36 32.61
CA LEU A 218 6.49 -23.59 33.02
C LEU A 218 5.83 -23.40 34.37
N GLU A 219 6.51 -22.69 35.27
CA GLU A 219 5.99 -22.44 36.61
C GLU A 219 4.81 -21.50 36.61
N GLU A 220 4.80 -20.57 35.66
CA GLU A 220 3.72 -19.59 35.55
C GLU A 220 2.44 -20.17 34.94
N GLY A 221 2.52 -21.36 34.35
CA GLY A 221 1.33 -21.96 33.77
C GLY A 221 1.51 -22.62 32.42
N VAL A 222 2.54 -22.22 31.68
CA VAL A 222 2.79 -22.82 30.38
C VAL A 222 3.11 -24.31 30.57
N LYS A 223 2.60 -25.15 29.68
CA LYS A 223 2.80 -26.61 29.75
C LYS A 223 3.94 -27.10 28.87
N GLU A 224 4.15 -26.39 27.77
CA GLU A 224 5.19 -26.78 26.82
C GLU A 224 5.86 -25.57 26.21
N VAL A 225 7.18 -25.64 26.11
CA VAL A 225 7.96 -24.59 25.51
C VAL A 225 8.76 -25.25 24.40
N ILE A 226 8.58 -24.76 23.18
CA ILE A 226 9.32 -25.29 22.05
C ILE A 226 10.24 -24.14 21.64
N VAL A 227 11.54 -24.39 21.58
CA VAL A 227 12.46 -23.34 21.19
C VAL A 227 13.02 -23.60 19.80
N LYS A 228 12.80 -22.64 18.91
CA LYS A 228 13.30 -22.72 17.53
C LYS A 228 14.71 -22.11 17.53
N ARG A 229 15.70 -22.93 17.23
CA ARG A 229 17.10 -22.49 17.22
C ARG A 229 17.73 -22.36 15.83
N GLY A 230 16.90 -22.12 14.82
CA GLY A 230 17.40 -21.96 13.46
C GLY A 230 18.29 -23.08 12.94
N ASN A 231 19.58 -22.78 12.88
CA ASN A 231 20.57 -23.76 12.40
C ASN A 231 21.18 -24.56 13.53
N GLN A 232 20.62 -24.42 14.73
CA GLN A 232 21.11 -25.16 15.89
C GLN A 232 20.05 -26.14 16.36
N GLY A 233 19.10 -26.44 15.48
CA GLY A 233 18.04 -27.37 15.83
C GLY A 233 16.93 -26.73 16.65
N ALA A 234 16.23 -27.54 17.41
CA ALA A 234 15.14 -27.05 18.23
C ALA A 234 15.10 -27.86 19.52
N SER A 235 14.41 -27.34 20.51
CA SER A 235 14.30 -28.01 21.80
C SER A 235 12.84 -28.04 22.25
N TYR A 236 12.55 -29.00 23.12
CA TYR A 236 11.21 -29.17 23.67
C TYR A 236 11.37 -29.17 25.18
N TYR A 237 10.46 -28.49 25.87
CA TYR A 237 10.50 -28.40 27.33
C TYR A 237 9.12 -28.52 27.95
N SER A 238 9.01 -29.39 28.94
CA SER A 238 7.76 -29.58 29.68
C SER A 238 8.17 -29.99 31.08
N ALA A 239 7.24 -30.02 32.02
CA ALA A 239 7.59 -30.42 33.38
C ALA A 239 8.03 -31.88 33.38
N ASN A 240 7.36 -32.68 32.55
CA ASN A 240 7.63 -34.10 32.43
C ASN A 240 8.94 -34.43 31.73
N GLU A 241 9.34 -33.62 30.75
CA GLU A 241 10.58 -33.90 30.03
C GLU A 241 11.26 -32.73 29.36
N GLN A 242 12.42 -33.02 28.75
CA GLN A 242 13.25 -32.06 28.05
C GLN A 242 14.10 -32.81 27.03
N PHE A 243 14.15 -32.31 25.79
CA PHE A 243 14.96 -32.95 24.76
C PHE A 243 15.24 -32.03 23.58
N HIS A 244 16.25 -32.37 22.79
CA HIS A 244 16.65 -31.55 21.66
C HIS A 244 16.98 -32.32 20.38
N VAL A 245 16.84 -31.64 19.24
CA VAL A 245 17.17 -32.23 17.95
C VAL A 245 18.13 -31.29 17.23
N GLU A 246 19.00 -31.86 16.41
CA GLU A 246 19.98 -31.06 15.69
C GLU A 246 19.38 -30.50 14.41
N SER A 247 19.96 -29.41 13.91
CA SER A 247 19.47 -28.80 12.69
C SER A 247 19.87 -29.60 11.46
N TYR A 248 19.04 -29.48 10.42
CA TYR A 248 19.32 -30.15 9.15
C TYR A 248 20.07 -29.11 8.32
N PRO A 249 21.25 -29.47 7.80
CA PRO A 249 22.00 -28.52 6.98
C PRO A 249 21.33 -28.41 5.62
N VAL A 250 20.99 -27.19 5.21
CA VAL A 250 20.33 -26.97 3.93
C VAL A 250 20.69 -25.59 3.38
N GLU A 251 20.51 -25.39 2.08
CA GLU A 251 20.81 -24.11 1.47
C GLU A 251 19.66 -23.14 1.74
N GLU A 252 19.90 -22.21 2.66
CA GLU A 252 18.89 -21.24 3.03
C GLU A 252 18.71 -20.16 1.96
N VAL A 253 17.47 -20.04 1.48
CA VAL A 253 17.14 -19.07 0.45
C VAL A 253 16.27 -17.95 1.01
N ASP A 254 15.27 -18.33 1.79
CA ASP A 254 14.34 -17.36 2.37
C ASP A 254 13.69 -17.94 3.64
N PRO A 255 14.05 -17.36 4.81
CA PRO A 255 13.53 -17.78 6.13
C PRO A 255 12.29 -17.01 6.58
N THR A 256 11.77 -16.13 5.72
CA THR A 256 10.60 -15.34 6.09
C THR A 256 9.46 -16.17 6.67
N GLY A 257 9.27 -17.39 6.15
CA GLY A 257 8.20 -18.24 6.64
C GLY A 257 8.61 -19.55 7.28
N ALA A 258 9.92 -19.79 7.40
CA ALA A 258 10.40 -21.03 8.00
C ALA A 258 9.88 -21.21 9.42
N GLY A 259 9.90 -20.13 10.21
CA GLY A 259 9.42 -20.22 11.58
C GLY A 259 7.92 -20.48 11.63
N ASP A 260 7.20 -20.00 10.63
CA ASP A 260 5.76 -20.19 10.58
C ASP A 260 5.44 -21.64 10.24
N CYS A 261 6.20 -22.21 9.30
CA CYS A 261 5.98 -23.59 8.90
C CYS A 261 6.34 -24.53 10.04
N PHE A 262 7.44 -24.24 10.73
CA PHE A 262 7.83 -25.05 11.88
C PHE A 262 6.64 -25.16 12.83
N GLY A 263 6.13 -24.00 13.25
CA GLY A 263 5.02 -23.96 14.18
C GLY A 263 3.81 -24.68 13.67
N GLY A 264 3.48 -24.45 12.40
CA GLY A 264 2.32 -25.09 11.81
C GLY A 264 2.48 -26.59 11.86
N ALA A 265 3.71 -27.06 11.63
CA ALA A 265 3.99 -28.50 11.64
C ALA A 265 3.86 -29.07 13.05
N TRP A 266 4.46 -28.38 14.02
CA TRP A 266 4.38 -28.85 15.39
C TRP A 266 2.92 -28.99 15.83
N ILE A 267 2.15 -27.94 15.61
CA ILE A 267 0.74 -27.95 16.01
C ILE A 267 -0.08 -29.00 15.27
N ALA A 268 0.07 -29.08 13.96
CA ALA A 268 -0.68 -30.06 13.19
C ALA A 268 -0.29 -31.48 13.60
N CYS A 269 1.01 -31.74 13.69
CA CYS A 269 1.47 -33.08 14.06
C CYS A 269 0.96 -33.53 15.44
N ARG A 270 0.93 -32.62 16.40
CA ARG A 270 0.40 -32.96 17.73
C ARG A 270 -1.09 -33.24 17.59
N GLN A 271 -1.76 -32.56 16.68
CA GLN A 271 -3.19 -32.79 16.47
C GLN A 271 -3.40 -34.17 15.87
N LEU A 272 -2.40 -34.65 15.12
CA LEU A 272 -2.49 -35.96 14.49
C LEU A 272 -2.11 -37.09 15.43
N GLY A 273 -1.74 -36.74 16.66
CA GLY A 273 -1.39 -37.75 17.65
C GLY A 273 0.10 -38.05 17.84
N PHE A 274 0.97 -37.24 17.24
CA PHE A 274 2.41 -37.48 17.40
C PHE A 274 2.87 -37.21 18.83
N ASP A 275 3.83 -37.97 19.33
CA ASP A 275 4.36 -37.70 20.67
C ASP A 275 5.26 -36.48 20.48
N ALA A 276 5.71 -35.89 21.58
CA ALA A 276 6.57 -34.70 21.51
C ALA A 276 7.82 -34.88 20.64
N HIS A 277 8.47 -36.04 20.78
CA HIS A 277 9.69 -36.33 20.03
C HIS A 277 9.46 -36.39 18.52
N ARG A 278 8.44 -37.13 18.09
CA ARG A 278 8.17 -37.24 16.66
C ARG A 278 7.75 -35.87 16.11
N ALA A 279 6.88 -35.19 16.85
CA ALA A 279 6.39 -33.88 16.43
C ALA A 279 7.55 -32.90 16.25
N LEU A 280 8.51 -32.93 17.17
CA LEU A 280 9.65 -32.04 17.08
C LEU A 280 10.47 -32.33 15.83
N GLN A 281 10.63 -33.62 15.54
CA GLN A 281 11.38 -34.06 14.36
C GLN A 281 10.74 -33.55 13.07
N TYR A 282 9.41 -33.70 12.94
CA TYR A 282 8.74 -33.22 11.74
C TYR A 282 8.78 -31.69 11.64
N ALA A 283 8.56 -31.00 12.76
CA ALA A 283 8.59 -29.54 12.78
C ALA A 283 9.94 -29.08 12.27
N ASN A 284 10.99 -29.65 12.85
CA ASN A 284 12.36 -29.34 12.50
C ASN A 284 12.58 -29.55 11.00
N ALA A 285 12.13 -30.71 10.50
CA ALA A 285 12.29 -31.00 9.09
C ALA A 285 11.47 -30.05 8.23
N CYS A 286 10.24 -29.80 8.63
CA CYS A 286 9.36 -28.89 7.89
C CYS A 286 9.99 -27.50 7.79
N GLY A 287 10.61 -27.06 8.88
CA GLY A 287 11.27 -25.76 8.88
C GLY A 287 12.46 -25.77 7.93
N ALA A 288 13.20 -26.88 7.92
CA ALA A 288 14.36 -26.99 7.03
C ALA A 288 13.95 -26.89 5.57
N LEU A 289 12.85 -27.55 5.23
CA LEU A 289 12.34 -27.54 3.85
C LEU A 289 11.81 -26.17 3.40
N ALA A 290 11.28 -25.39 4.33
CA ALA A 290 10.72 -24.09 4.00
C ALA A 290 11.78 -23.07 3.55
N VAL A 291 12.89 -23.01 4.26
CA VAL A 291 13.95 -22.06 3.94
C VAL A 291 14.60 -22.25 2.56
N THR A 292 14.59 -23.48 2.04
CA THR A 292 15.19 -23.77 0.74
C THR A 292 14.50 -23.11 -0.45
N ARG A 293 13.34 -22.49 -0.23
CA ARG A 293 12.63 -21.85 -1.32
C ARG A 293 12.27 -20.37 -1.11
N ARG A 294 12.23 -19.62 -2.22
CA ARG A 294 11.87 -18.20 -2.15
C ARG A 294 10.35 -18.13 -2.10
N GLY A 295 9.82 -17.15 -1.39
CA GLY A 295 8.38 -17.02 -1.32
C GLY A 295 7.83 -17.39 0.04
N PRO A 296 7.09 -16.46 0.67
CA PRO A 296 6.48 -16.62 1.99
C PRO A 296 5.78 -17.93 2.27
N MSE A 297 4.88 -18.33 1.38
CA MSE A 297 4.09 -19.54 1.56
C MSE A 297 4.44 -20.66 0.57
O MSE A 297 3.83 -21.73 0.57
CB MSE A 297 2.61 -19.16 1.42
CG MSE A 297 1.64 -20.01 2.20
SE MSE A 297 -0.16 -19.30 1.94
CE MSE A 297 -0.04 -17.71 3.05
N GLU A 298 5.41 -20.38 -0.29
CA GLU A 298 5.84 -21.33 -1.30
C GLU A 298 6.68 -22.46 -0.71
N GLY A 299 6.97 -22.36 0.59
CA GLY A 299 7.79 -23.37 1.23
C GLY A 299 7.07 -24.34 2.15
N THR A 300 5.74 -24.27 2.23
CA THR A 300 5.00 -25.19 3.11
C THR A 300 5.13 -26.57 2.47
N SER A 301 5.06 -27.62 3.29
CA SER A 301 5.19 -28.98 2.78
C SER A 301 4.06 -29.91 3.21
N ARG A 302 3.91 -31.01 2.50
CA ARG A 302 2.91 -31.98 2.91
C ARG A 302 3.66 -33.10 3.63
N LEU A 303 2.92 -33.94 4.33
CA LEU A 303 3.49 -35.02 5.11
C LEU A 303 4.52 -35.86 4.35
N MSE A 304 4.16 -36.24 3.14
CA MSE A 304 5.04 -37.05 2.30
C MSE A 304 6.41 -36.39 2.09
O MSE A 304 7.45 -37.04 2.17
CB MSE A 304 4.38 -37.30 0.94
CG MSE A 304 5.13 -38.26 0.05
SE MSE A 304 5.01 -37.71 -1.80
CE MSE A 304 3.24 -38.36 -2.24
N GLU A 305 6.41 -35.09 1.83
CA GLU A 305 7.68 -34.39 1.62
C GLU A 305 8.52 -34.40 2.89
N ILE A 306 7.91 -34.07 4.02
CA ILE A 306 8.61 -34.06 5.29
C ILE A 306 9.25 -35.40 5.64
N GLU A 307 8.49 -36.48 5.45
CA GLU A 307 8.99 -37.82 5.76
C GLU A 307 10.06 -38.27 4.77
N THR A 308 9.91 -37.90 3.51
CA THR A 308 10.89 -38.27 2.49
C THR A 308 12.20 -37.54 2.80
N PHE A 309 12.09 -36.28 3.23
CA PHE A 309 13.24 -35.46 3.58
C PHE A 309 13.95 -36.09 4.78
N ILE A 310 13.16 -36.48 5.77
CA ILE A 310 13.69 -37.11 6.97
C ILE A 310 14.49 -38.37 6.62
N GLN A 311 13.84 -39.31 5.95
CA GLN A 311 14.48 -40.55 5.55
C GLN A 311 15.86 -40.33 4.93
N ARG A 312 15.93 -39.49 3.91
CA ARG A 312 17.19 -39.20 3.22
C ARG A 312 18.32 -38.78 4.15
N HIS A 313 17.98 -38.45 5.40
CA HIS A 313 18.98 -38.06 6.39
C HIS A 313 19.13 -39.14 7.46
N LEU B 3 11.99 34.72 -8.95
CA LEU B 3 11.45 34.56 -7.57
C LEU B 3 9.98 34.16 -7.60
N SER B 4 9.27 34.50 -8.67
CA SER B 4 7.86 34.13 -8.83
C SER B 4 7.76 32.61 -9.01
N LYS B 5 6.89 31.96 -8.23
CA LYS B 5 6.75 30.51 -8.28
C LYS B 5 5.35 29.91 -8.44
N VAL B 6 5.29 28.84 -9.23
CA VAL B 6 4.05 28.12 -9.45
C VAL B 6 4.04 26.98 -8.44
N PHE B 7 2.97 26.87 -7.67
CA PHE B 7 2.88 25.82 -6.67
C PHE B 7 1.65 24.96 -6.89
N THR B 8 1.73 23.71 -6.50
CA THR B 8 0.58 22.82 -6.58
C THR B 8 0.59 22.05 -5.28
N ILE B 9 -0.48 21.28 -5.04
CA ILE B 9 -0.56 20.54 -3.80
C ILE B 9 -1.32 19.26 -4.06
N GLY B 10 -1.02 18.23 -3.28
CA GLY B 10 -1.76 17.00 -3.46
C GLY B 10 -0.99 15.71 -3.27
N GLU B 11 -1.58 14.64 -3.80
CA GLU B 11 -1.01 13.31 -3.70
C GLU B 11 0.22 13.07 -4.54
N ILE B 12 1.17 12.36 -3.94
CA ILE B 12 2.40 11.95 -4.60
C ILE B 12 2.45 10.47 -4.29
N LEU B 13 2.72 9.64 -5.28
CA LEU B 13 2.78 8.20 -5.06
C LEU B 13 3.60 7.52 -6.14
N VAL B 14 3.85 6.22 -5.98
CA VAL B 14 4.59 5.50 -7.01
C VAL B 14 3.62 4.56 -7.70
N GLU B 15 3.87 4.29 -8.97
CA GLU B 15 3.00 3.39 -9.70
C GLU B 15 3.79 2.13 -10.04
N ILE B 16 3.15 0.97 -9.87
CA ILE B 16 3.73 -0.33 -10.19
C ILE B 16 2.84 -0.84 -11.32
N MSE B 17 3.42 -1.05 -12.49
CA MSE B 17 2.63 -1.46 -13.64
C MSE B 17 2.77 -2.92 -14.06
O MSE B 17 3.87 -3.46 -14.07
CB MSE B 17 3.00 -0.60 -14.85
CG MSE B 17 2.86 0.90 -14.62
SE MSE B 17 3.50 1.89 -16.16
CE MSE B 17 4.55 3.21 -15.24
N ALA B 18 1.65 -3.53 -14.42
CA ALA B 18 1.66 -4.91 -14.89
C ALA B 18 2.52 -4.92 -16.14
N SER B 19 3.33 -5.96 -16.30
CA SER B 19 4.21 -6.06 -17.46
C SER B 19 3.51 -6.55 -18.72
N LYS B 20 2.40 -7.25 -18.56
CA LYS B 20 1.66 -7.77 -19.72
C LYS B 20 0.20 -7.36 -19.70
N ILE B 21 -0.36 -7.18 -20.89
CA ILE B 21 -1.76 -6.82 -21.00
C ILE B 21 -2.54 -8.06 -20.61
N GLY B 22 -3.62 -7.87 -19.87
CA GLY B 22 -4.42 -8.99 -19.44
C GLY B 22 -3.97 -9.57 -18.11
N GLN B 23 -2.82 -9.11 -17.60
CA GLN B 23 -2.27 -9.60 -16.34
C GLN B 23 -3.24 -9.33 -15.19
N PRO B 24 -3.59 -10.37 -14.41
CA PRO B 24 -4.52 -10.16 -13.30
C PRO B 24 -3.81 -9.73 -12.03
N PHE B 25 -4.59 -9.26 -11.06
CA PHE B 25 -4.07 -8.85 -9.76
C PHE B 25 -3.96 -10.05 -8.81
N ASP B 26 -4.80 -11.05 -9.04
CA ASP B 26 -4.85 -12.22 -8.16
C ASP B 26 -4.07 -13.45 -8.61
N GLN B 27 -2.88 -13.23 -9.17
CA GLN B 27 -2.02 -14.30 -9.61
C GLN B 27 -0.61 -13.74 -9.73
N PRO B 28 0.40 -14.52 -9.31
CA PRO B 28 1.79 -14.06 -9.39
C PRO B 28 2.20 -13.74 -10.83
N GLY B 29 2.97 -12.67 -10.99
CA GLY B 29 3.42 -12.29 -12.31
C GLY B 29 4.59 -11.33 -12.24
N ILE B 30 4.82 -10.60 -13.32
CA ILE B 30 5.92 -9.65 -13.35
C ILE B 30 5.37 -8.23 -13.39
N TRP B 31 5.98 -7.34 -12.59
CA TRP B 31 5.55 -5.95 -12.52
C TRP B 31 6.73 -5.02 -12.70
N ASN B 32 6.47 -3.82 -13.20
CA ASN B 32 7.51 -2.83 -13.44
C ASN B 32 7.30 -1.58 -12.58
N GLY B 33 8.40 -1.10 -12.00
CA GLY B 33 8.34 0.09 -11.18
C GLY B 33 9.35 0.03 -10.04
N PRO B 34 9.24 0.92 -9.05
CA PRO B 34 8.21 1.97 -8.98
C PRO B 34 8.48 3.09 -9.98
N TYR B 35 7.44 3.88 -10.26
CA TYR B 35 7.50 5.02 -11.17
C TYR B 35 6.83 6.21 -10.45
N PRO B 36 7.48 7.40 -10.49
CA PRO B 36 6.91 8.59 -9.86
C PRO B 36 5.52 8.84 -10.42
N SER B 37 4.58 9.26 -9.58
CA SER B 37 3.24 9.49 -10.09
C SER B 37 2.45 10.41 -9.17
N GLY B 38 1.17 10.57 -9.49
CA GLY B 38 0.33 11.46 -8.72
C GLY B 38 0.07 12.66 -9.60
N ALA B 39 -1.19 12.91 -9.92
CA ALA B 39 -1.55 14.02 -10.79
C ALA B 39 -0.81 15.33 -10.48
N PRO B 40 -0.81 15.78 -9.20
CA PRO B 40 -0.12 17.02 -8.85
C PRO B 40 1.37 16.98 -9.13
N ALA B 41 1.98 15.82 -8.90
CA ALA B 41 3.41 15.66 -9.16
C ALA B 41 3.70 15.68 -10.66
N ILE B 42 2.83 15.05 -11.43
CA ILE B 42 3.01 15.00 -12.87
C ILE B 42 2.81 16.38 -13.47
N PHE B 43 1.85 17.12 -12.91
CA PHE B 43 1.58 18.46 -13.37
C PHE B 43 2.79 19.36 -13.11
N ILE B 44 3.31 19.30 -11.89
CA ILE B 44 4.44 20.15 -11.52
C ILE B 44 5.71 19.74 -12.26
N ASP B 45 5.83 18.46 -12.60
CA ASP B 45 7.01 18.01 -13.32
C ASP B 45 6.99 18.61 -14.74
N GLN B 46 5.80 18.74 -15.33
CA GLN B 46 5.73 19.33 -16.67
C GLN B 46 6.08 20.80 -16.58
N VAL B 47 5.65 21.45 -15.50
CA VAL B 47 5.94 22.87 -15.32
C VAL B 47 7.44 23.09 -15.20
N THR B 48 8.12 22.28 -14.39
CA THR B 48 9.55 22.49 -14.23
C THR B 48 10.33 22.15 -15.50
N ARG B 49 9.88 21.17 -16.26
CA ARG B 49 10.60 20.82 -17.47
C ARG B 49 10.46 21.89 -18.54
N LEU B 50 9.49 22.79 -18.35
CA LEU B 50 9.30 23.89 -19.29
C LEU B 50 10.12 25.11 -18.79
N GLY B 51 10.87 24.92 -17.71
CA GLY B 51 11.73 25.97 -17.18
C GLY B 51 11.13 26.95 -16.22
N VAL B 52 9.88 26.71 -15.80
CA VAL B 52 9.21 27.61 -14.89
C VAL B 52 9.41 27.20 -13.44
N PRO B 53 10.08 28.06 -12.64
CA PRO B 53 10.33 27.77 -11.23
C PRO B 53 9.02 27.40 -10.55
N CYS B 54 9.04 26.32 -9.80
CA CYS B 54 7.82 25.85 -9.15
C CYS B 54 8.10 25.02 -7.91
N GLY B 55 7.03 24.66 -7.21
CA GLY B 55 7.17 23.87 -6.01
C GLY B 55 5.90 23.08 -5.80
N ILE B 56 5.92 22.16 -4.85
CA ILE B 56 4.76 21.32 -4.56
C ILE B 56 4.64 21.03 -3.08
N ILE B 57 3.42 21.04 -2.57
CA ILE B 57 3.18 20.71 -1.17
C ILE B 57 2.57 19.32 -1.15
N SER B 58 3.26 18.37 -0.53
CA SER B 58 2.76 17.01 -0.46
C SER B 58 3.25 16.28 0.79
N CYS B 59 2.96 14.99 0.85
CA CYS B 59 3.37 14.15 1.97
C CYS B 59 3.69 12.74 1.50
N VAL B 60 4.90 12.28 1.82
CA VAL B 60 5.32 10.94 1.47
C VAL B 60 5.89 10.31 2.73
N GLY B 61 6.01 8.98 2.74
CA GLY B 61 6.57 8.32 3.90
C GLY B 61 8.08 8.26 3.83
N ASN B 62 8.72 7.83 4.90
CA ASN B 62 10.17 7.72 4.94
C ASN B 62 10.59 6.36 4.40
N ASP B 63 10.40 6.17 3.10
CA ASP B 63 10.75 4.93 2.42
C ASP B 63 11.27 5.23 1.02
N GLY B 64 11.85 4.21 0.38
CA GLY B 64 12.41 4.38 -0.95
C GLY B 64 11.42 4.87 -1.99
N PHE B 65 10.16 4.52 -1.83
CA PHE B 65 9.13 4.94 -2.77
C PHE B 65 8.96 6.46 -2.64
N GLY B 66 9.08 6.95 -1.41
CA GLY B 66 8.96 8.38 -1.19
C GLY B 66 10.19 9.06 -1.75
N ASP B 67 11.35 8.42 -1.60
CA ASP B 67 12.61 8.99 -2.09
C ASP B 67 12.66 9.12 -3.61
N ILE B 68 12.22 8.10 -4.33
CA ILE B 68 12.25 8.14 -5.79
C ILE B 68 11.45 9.33 -6.34
N ASN B 69 10.37 9.68 -5.68
CA ASN B 69 9.58 10.81 -6.12
C ASN B 69 10.34 12.11 -5.83
N ILE B 70 10.78 12.28 -4.60
CA ILE B 70 11.53 13.48 -4.22
C ILE B 70 12.76 13.68 -5.11
N HIS B 71 13.50 12.60 -5.37
CA HIS B 71 14.69 12.66 -6.20
C HIS B 71 14.38 13.14 -7.62
N ARG B 72 13.36 12.53 -8.23
CA ARG B 72 12.94 12.87 -9.58
C ARG B 72 12.52 14.33 -9.68
N LEU B 73 11.65 14.76 -8.77
CA LEU B 73 11.18 16.13 -8.78
C LEU B 73 12.35 17.11 -8.57
N ALA B 74 13.17 16.86 -7.55
CA ALA B 74 14.31 17.72 -7.25
C ALA B 74 15.27 17.82 -8.43
N ALA B 75 15.60 16.67 -9.01
CA ALA B 75 16.51 16.65 -10.15
C ALA B 75 15.94 17.43 -11.34
N ASP B 76 14.62 17.37 -11.52
CA ASP B 76 13.99 18.06 -12.62
C ASP B 76 13.89 19.58 -12.38
N GLY B 77 14.27 20.02 -11.18
CA GLY B 77 14.25 21.44 -10.88
C GLY B 77 13.15 21.92 -9.93
N VAL B 78 12.29 21.00 -9.50
CA VAL B 78 11.20 21.38 -8.59
C VAL B 78 11.69 21.70 -7.19
N ASP B 79 11.08 22.71 -6.58
CA ASP B 79 11.39 23.10 -5.21
C ASP B 79 10.65 22.04 -4.38
N ILE B 80 11.39 21.12 -3.77
CA ILE B 80 10.77 20.05 -3.01
C ILE B 80 10.63 20.25 -1.50
N ARG B 81 10.98 21.44 -1.02
CA ARG B 81 10.88 21.71 0.40
C ARG B 81 9.49 21.51 0.99
N GLY B 82 8.47 21.66 0.15
CA GLY B 82 7.11 21.51 0.62
C GLY B 82 6.63 20.07 0.73
N ILE B 83 7.53 19.13 0.52
CA ILE B 83 7.17 17.72 0.63
C ILE B 83 7.61 17.23 2.00
N SER B 84 6.63 17.04 2.88
CA SER B 84 6.93 16.58 4.23
C SER B 84 7.08 15.06 4.21
N VAL B 85 7.98 14.55 5.02
CA VAL B 85 8.20 13.10 5.12
C VAL B 85 7.56 12.61 6.42
N LEU B 86 6.66 11.64 6.33
CA LEU B 86 5.97 11.10 7.49
C LEU B 86 6.49 9.71 7.84
N PRO B 87 7.28 9.60 8.92
CA PRO B 87 7.84 8.31 9.35
C PRO B 87 6.80 7.22 9.61
N LEU B 88 5.72 7.60 10.29
CA LEU B 88 4.67 6.62 10.64
C LEU B 88 3.65 6.33 9.54
N GLU B 89 4.00 6.65 8.29
CA GLU B 89 3.09 6.42 7.16
C GLU B 89 3.84 5.82 5.98
N ALA B 90 3.10 5.12 5.12
CA ALA B 90 3.68 4.50 3.93
C ALA B 90 3.38 5.41 2.74
N THR B 91 4.36 5.57 1.85
CA THR B 91 4.16 6.41 0.68
C THR B 91 3.07 5.78 -0.18
N GLY B 92 2.11 6.59 -0.61
CA GLY B 92 1.03 6.08 -1.43
C GLY B 92 1.52 5.32 -2.65
N SER B 93 0.70 4.41 -3.15
CA SER B 93 1.03 3.61 -4.32
C SER B 93 -0.20 3.28 -5.14
N ALA B 94 0.03 2.71 -6.32
CA ALA B 94 -1.05 2.31 -7.20
C ALA B 94 -0.54 1.21 -8.14
N PHE B 95 -1.26 0.10 -8.18
CA PHE B 95 -0.93 -1.01 -9.06
C PHE B 95 -1.90 -0.87 -10.23
N VAL B 96 -1.40 -1.01 -11.44
CA VAL B 96 -2.28 -0.89 -12.59
C VAL B 96 -2.07 -1.99 -13.63
N THR B 97 -3.18 -2.45 -14.21
CA THR B 97 -3.12 -3.44 -15.26
C THR B 97 -3.92 -2.94 -16.45
N TYR B 98 -3.66 -3.57 -17.60
CA TYR B 98 -4.31 -3.21 -18.86
C TYR B 98 -5.19 -4.33 -19.43
N HIS B 99 -6.39 -3.97 -19.86
CA HIS B 99 -7.32 -4.92 -20.48
C HIS B 99 -7.12 -4.80 -21.99
N ASN B 100 -7.53 -5.82 -22.75
CA ASN B 100 -7.41 -5.81 -24.22
C ASN B 100 -8.26 -4.70 -24.80
N SER B 101 -9.29 -4.34 -24.06
CA SER B 101 -10.21 -3.28 -24.47
C SER B 101 -9.49 -1.93 -24.39
N GLY B 102 -8.52 -1.81 -23.48
CA GLY B 102 -7.80 -0.55 -23.36
C GLY B 102 -8.06 0.05 -21.99
N ASP B 103 -9.05 -0.49 -21.30
CA ASP B 103 -9.45 -0.05 -19.97
C ASP B 103 -8.37 -0.41 -18.93
N ARG B 104 -8.24 0.39 -17.88
CA ARG B 104 -7.24 0.13 -16.86
C ARG B 104 -7.89 -0.27 -15.53
N ASP B 105 -7.18 -1.04 -14.72
CA ASP B 105 -7.69 -1.49 -13.43
C ASP B 105 -6.64 -1.07 -12.43
N PHE B 106 -7.06 -0.57 -11.27
CA PHE B 106 -6.10 -0.09 -10.26
C PHE B 106 -6.40 -0.64 -8.88
N ILE B 107 -5.36 -0.75 -8.06
CA ILE B 107 -5.46 -1.13 -6.66
C ILE B 107 -4.75 0.06 -6.05
N PHE B 108 -5.53 0.99 -5.53
CA PHE B 108 -5.01 2.22 -4.95
C PHE B 108 -4.79 2.20 -3.45
N ASN B 109 -3.76 2.91 -3.03
CA ASN B 109 -3.47 3.11 -1.62
C ASN B 109 -3.01 4.55 -1.58
N ILE B 110 -3.97 5.45 -1.39
CA ILE B 110 -3.69 6.87 -1.35
C ILE B 110 -4.39 7.51 -0.16
N LYS B 111 -5.68 7.22 -0.04
CA LYS B 111 -6.51 7.77 1.02
C LYS B 111 -6.04 7.42 2.43
N ASN B 112 -5.58 6.18 2.62
CA ASN B 112 -5.11 5.74 3.92
C ASN B 112 -3.60 5.61 3.96
N ALA B 113 -2.92 6.38 3.12
CA ALA B 113 -1.47 6.36 3.08
C ALA B 113 -0.96 7.77 3.38
N ALA B 114 0.34 7.97 3.31
CA ALA B 114 0.92 9.28 3.58
C ALA B 114 0.13 10.43 2.93
N CYS B 115 -0.24 10.25 1.67
CA CYS B 115 -0.99 11.28 0.93
C CYS B 115 -2.20 11.81 1.69
N GLY B 116 -3.07 10.90 2.12
CA GLY B 116 -4.27 11.28 2.83
C GLY B 116 -4.00 11.85 4.21
N LYS B 117 -2.73 12.06 4.54
CA LYS B 117 -2.33 12.61 5.83
C LYS B 117 -2.17 14.12 5.74
N LEU B 118 -1.88 14.62 4.53
CA LEU B 118 -1.69 16.04 4.30
C LEU B 118 -2.74 16.89 5.02
N SER B 119 -2.31 17.63 6.03
CA SER B 119 -3.24 18.47 6.78
C SER B 119 -2.83 19.93 6.61
N ALA B 120 -3.74 20.84 6.94
CA ALA B 120 -3.48 22.26 6.83
C ALA B 120 -2.18 22.69 7.47
N GLN B 121 -1.61 21.84 8.32
CA GLN B 121 -0.36 22.18 8.99
C GLN B 121 0.87 21.93 8.14
N HIS B 122 0.72 21.14 7.09
CA HIS B 122 1.84 20.84 6.21
C HIS B 122 1.98 21.98 5.21
N VAL B 123 1.04 22.91 5.25
CA VAL B 123 1.04 24.08 4.35
C VAL B 123 1.68 25.24 5.12
N ASP B 124 2.94 25.52 4.81
CA ASP B 124 3.73 26.58 5.45
C ASP B 124 3.64 27.87 4.64
N GLU B 125 3.22 28.94 5.29
CA GLU B 125 3.05 30.23 4.64
C GLU B 125 4.38 30.78 4.11
N ASN B 126 5.47 30.26 4.66
CA ASN B 126 6.82 30.66 4.28
C ASN B 126 7.24 30.00 2.98
N ILE B 127 6.62 28.86 2.68
CA ILE B 127 6.93 28.13 1.45
C ILE B 127 6.19 28.74 0.27
N LEU B 128 5.07 29.38 0.55
CA LEU B 128 4.24 29.98 -0.47
C LEU B 128 4.41 31.50 -0.57
N LYS B 129 5.49 32.02 0.00
CA LYS B 129 5.73 33.46 -0.04
C LYS B 129 5.79 34.01 -1.46
N ASP B 130 6.62 33.40 -2.30
CA ASP B 130 6.76 33.85 -3.68
C ASP B 130 5.82 33.14 -4.64
N CYS B 131 4.72 32.59 -4.12
CA CYS B 131 3.79 31.90 -4.99
C CYS B 131 2.78 32.87 -5.56
N THR B 132 2.83 33.04 -6.87
CA THR B 132 1.94 33.94 -7.56
C THR B 132 0.87 33.16 -8.32
N HIS B 133 1.03 31.84 -8.35
CA HIS B 133 0.06 30.99 -9.04
C HIS B 133 -0.04 29.63 -8.37
N PHE B 134 -1.26 29.30 -7.97
CA PHE B 134 -1.52 28.04 -7.29
C PHE B 134 -2.45 27.16 -8.11
N HIS B 135 -2.06 25.91 -8.28
CA HIS B 135 -2.86 24.98 -9.06
C HIS B 135 -3.42 23.86 -8.19
N ILE B 136 -4.73 23.66 -8.29
CA ILE B 136 -5.43 22.62 -7.53
C ILE B 136 -5.93 21.50 -8.42
N MSE B 137 -5.70 20.27 -7.98
CA MSE B 137 -6.16 19.08 -8.71
C MSE B 137 -7.37 18.53 -7.95
O MSE B 137 -7.29 18.26 -6.75
CB MSE B 137 -5.06 18.00 -8.75
CG MSE B 137 -3.90 18.31 -9.70
SE MSE B 137 -4.41 18.21 -11.57
CE MSE B 137 -2.69 17.83 -12.36
N GLY B 138 -8.50 18.41 -8.65
CA GLY B 138 -9.70 17.89 -8.02
C GLY B 138 -9.49 16.53 -7.38
N SER B 139 -8.65 15.71 -8.00
CA SER B 139 -8.35 14.36 -7.50
C SER B 139 -7.75 14.35 -6.08
N SER B 140 -7.32 15.51 -5.62
CA SER B 140 -6.70 15.62 -4.29
C SER B 140 -7.71 15.77 -3.16
N LEU B 141 -8.90 16.25 -3.49
CA LEU B 141 -9.93 16.49 -2.50
C LEU B 141 -10.76 15.25 -2.16
N PHE B 142 -10.25 14.43 -1.23
CA PHE B 142 -10.94 13.22 -0.83
C PHE B 142 -11.06 13.08 0.68
N SER B 143 -10.89 14.20 1.39
CA SER B 143 -10.99 14.21 2.86
C SER B 143 -11.06 15.65 3.32
N PHE B 144 -11.61 15.86 4.52
CA PHE B 144 -11.75 17.22 5.05
C PHE B 144 -10.37 17.82 5.36
N HIS B 145 -9.42 16.97 5.72
CA HIS B 145 -8.06 17.43 6.01
C HIS B 145 -7.45 17.99 4.74
N MSE B 146 -7.74 17.36 3.61
CA MSE B 146 -7.21 17.80 2.33
C MSE B 146 -7.77 19.18 1.98
O MSE B 146 -7.01 20.10 1.65
CB MSE B 146 -7.58 16.82 1.22
CG MSE B 146 -7.24 15.35 1.48
SE MSE B 146 -5.38 14.97 1.91
CE MSE B 146 -5.56 14.79 3.83
N VAL B 147 -9.09 19.32 2.05
CA VAL B 147 -9.73 20.59 1.72
C VAL B 147 -9.22 21.73 2.59
N ASP B 148 -8.96 21.45 3.86
CA ASP B 148 -8.46 22.49 4.75
C ASP B 148 -7.09 22.96 4.25
N ALA B 149 -6.20 22.02 3.97
CA ALA B 149 -4.88 22.35 3.47
C ALA B 149 -5.03 23.24 2.25
N VAL B 150 -5.84 22.78 1.30
CA VAL B 150 -6.06 23.53 0.08
C VAL B 150 -6.63 24.91 0.36
N LYS B 151 -7.66 24.97 1.21
CA LYS B 151 -8.28 26.25 1.57
C LYS B 151 -7.25 27.20 2.15
N LYS B 152 -6.45 26.70 3.10
CA LYS B 152 -5.43 27.51 3.73
C LYS B 152 -4.48 28.09 2.66
N ALA B 153 -3.92 27.22 1.81
CA ALA B 153 -3.00 27.64 0.75
C ALA B 153 -3.60 28.69 -0.18
N VAL B 154 -4.85 28.46 -0.60
CA VAL B 154 -5.52 29.39 -1.50
C VAL B 154 -5.67 30.77 -0.87
N THR B 155 -5.94 30.80 0.44
CA THR B 155 -6.08 32.05 1.16
C THR B 155 -4.74 32.78 1.13
N ILE B 156 -3.67 32.06 1.45
CA ILE B 156 -2.33 32.62 1.45
C ILE B 156 -1.92 33.18 0.10
N VAL B 157 -2.18 32.42 -0.96
CA VAL B 157 -1.82 32.85 -2.31
C VAL B 157 -2.65 34.04 -2.80
N LYS B 158 -3.96 33.98 -2.63
CA LYS B 158 -4.80 35.07 -3.08
C LYS B 158 -4.51 36.31 -2.23
N ALA B 159 -3.95 36.09 -1.05
CA ALA B 159 -3.59 37.19 -0.15
C ALA B 159 -2.47 38.01 -0.79
N ASN B 160 -1.47 37.35 -1.37
CA ASN B 160 -0.39 38.08 -2.02
C ASN B 160 -0.73 38.39 -3.48
N GLY B 161 -2.02 38.34 -3.81
CA GLY B 161 -2.45 38.65 -5.16
C GLY B 161 -2.16 37.57 -6.19
N GLY B 162 -2.02 36.33 -5.75
CA GLY B 162 -1.74 35.24 -6.67
C GLY B 162 -2.95 34.80 -7.50
N VAL B 163 -2.69 33.94 -8.48
CA VAL B 163 -3.73 33.41 -9.36
C VAL B 163 -4.04 31.95 -9.04
N ILE B 164 -5.32 31.58 -9.12
CA ILE B 164 -5.76 30.22 -8.80
C ILE B 164 -6.29 29.48 -10.03
N SER B 165 -5.72 28.30 -10.32
CA SER B 165 -6.20 27.48 -11.43
C SER B 165 -6.77 26.21 -10.82
N PHE B 166 -7.73 25.58 -11.50
CA PHE B 166 -8.38 24.38 -10.95
C PHE B 166 -8.74 23.36 -12.02
N ASP B 167 -8.23 22.15 -11.83
CA ASP B 167 -8.49 21.04 -12.75
C ASP B 167 -9.36 20.03 -12.00
N PRO B 168 -10.66 19.95 -12.34
CA PRO B 168 -11.63 19.04 -11.73
C PRO B 168 -11.50 17.59 -12.20
N ASN B 169 -10.34 16.99 -12.00
CA ASN B 169 -10.10 15.61 -12.41
C ASN B 169 -10.46 14.67 -11.26
N ILE B 170 -11.65 14.83 -10.68
CA ILE B 170 -12.04 14.00 -9.56
C ILE B 170 -12.72 12.69 -9.94
N ARG B 171 -12.99 11.89 -8.90
CA ARG B 171 -13.70 10.64 -9.06
C ARG B 171 -15.16 11.04 -8.91
N LYS B 172 -15.99 10.66 -9.85
CA LYS B 172 -17.40 11.02 -9.81
C LYS B 172 -18.04 10.69 -8.46
N GLU B 173 -17.61 9.58 -7.86
CA GLU B 173 -18.14 9.16 -6.57
C GLU B 173 -18.12 10.26 -5.52
N MSE B 174 -17.06 11.06 -5.56
CA MSE B 174 -16.89 12.16 -4.62
C MSE B 174 -18.06 13.14 -4.66
O MSE B 174 -18.36 13.79 -3.66
CB MSE B 174 -15.58 12.90 -4.91
CG MSE B 174 -14.68 13.11 -3.69
SE MSE B 174 -14.20 11.47 -2.76
CE MSE B 174 -13.12 10.65 -4.14
N LEU B 175 -18.73 13.22 -5.81
CA LEU B 175 -19.86 14.13 -5.95
C LEU B 175 -21.07 13.68 -5.14
N ASP B 176 -21.11 12.41 -4.77
CA ASP B 176 -22.23 11.90 -3.98
C ASP B 176 -22.00 12.06 -2.49
N ILE B 177 -21.02 12.88 -2.14
CA ILE B 177 -20.70 13.17 -0.75
C ILE B 177 -20.82 14.68 -0.59
N PRO B 178 -21.81 15.13 0.20
CA PRO B 178 -22.07 16.55 0.44
C PRO B 178 -20.84 17.37 0.84
N GLU B 179 -20.07 16.87 1.80
CA GLU B 179 -18.88 17.58 2.26
C GLU B 179 -17.92 17.82 1.09
N MSE B 180 -17.56 16.76 0.38
CA MSE B 180 -16.66 16.87 -0.76
C MSE B 180 -17.31 17.62 -1.92
O MSE B 180 -16.63 18.28 -2.71
CB MSE B 180 -16.22 15.48 -1.23
CG MSE B 180 -15.36 14.75 -0.22
SE MSE B 180 -13.92 15.87 0.41
CE MSE B 180 -14.43 16.04 2.26
N ARG B 181 -18.62 17.51 -2.01
CA ARG B 181 -19.37 18.18 -3.06
C ARG B 181 -19.21 19.68 -2.91
N ASP B 182 -19.29 20.16 -1.66
CA ASP B 182 -19.16 21.59 -1.39
C ASP B 182 -17.74 22.07 -1.66
N ALA B 183 -16.77 21.34 -1.12
CA ALA B 183 -15.37 21.67 -1.30
C ALA B 183 -15.06 22.05 -2.74
N LEU B 184 -15.43 21.17 -3.67
CA LEU B 184 -15.20 21.41 -5.09
C LEU B 184 -15.82 22.72 -5.57
N HIS B 185 -17.05 22.99 -5.16
CA HIS B 185 -17.72 24.22 -5.56
C HIS B 185 -17.05 25.42 -4.91
N PHE B 186 -16.64 25.24 -3.66
CA PHE B 186 -15.97 26.30 -2.93
C PHE B 186 -14.74 26.75 -3.72
N VAL B 187 -13.98 25.76 -4.20
CA VAL B 187 -12.78 26.02 -4.97
C VAL B 187 -13.14 26.69 -6.29
N LEU B 188 -14.15 26.17 -6.97
CA LEU B 188 -14.59 26.73 -8.25
C LEU B 188 -14.91 28.23 -8.13
N GLU B 189 -15.46 28.63 -6.99
CA GLU B 189 -15.82 30.03 -6.74
C GLU B 189 -14.59 30.94 -6.58
N LEU B 190 -13.47 30.34 -6.17
CA LEU B 190 -12.24 31.10 -5.98
C LEU B 190 -11.27 30.88 -7.13
N THR B 191 -11.75 30.20 -8.16
CA THR B 191 -10.93 29.86 -9.32
C THR B 191 -10.92 30.89 -10.45
N ASP B 192 -9.72 31.23 -10.93
CA ASP B 192 -9.57 32.18 -12.03
C ASP B 192 -9.41 31.42 -13.35
N ILE B 193 -8.75 30.27 -13.28
CA ILE B 193 -8.53 29.45 -14.47
C ILE B 193 -9.10 28.05 -14.24
N TYR B 194 -10.13 27.72 -15.00
CA TYR B 194 -10.81 26.43 -14.87
C TYR B 194 -10.46 25.55 -16.08
N MSE B 195 -9.92 24.36 -15.83
CA MSE B 195 -9.50 23.47 -16.91
C MSE B 195 -10.11 22.07 -16.89
O MSE B 195 -9.41 21.07 -16.69
CB MSE B 195 -7.97 23.35 -16.91
CG MSE B 195 -7.21 24.68 -16.93
SE MSE B 195 -5.27 24.47 -16.71
CE MSE B 195 -5.19 24.72 -14.80
N PRO B 196 -11.42 21.96 -17.11
CA PRO B 196 -12.01 20.63 -17.09
C PRO B 196 -11.80 19.88 -18.41
N SER B 197 -11.90 18.57 -18.35
CA SER B 197 -11.79 17.76 -19.55
C SER B 197 -13.22 17.75 -20.08
N GLU B 198 -13.38 17.42 -21.35
CA GLU B 198 -14.69 17.39 -21.98
C GLU B 198 -15.74 16.72 -21.10
N GLY B 199 -15.36 15.60 -20.49
CA GLY B 199 -16.26 14.86 -19.63
C GLY B 199 -16.52 15.42 -18.25
N GLU B 200 -15.90 16.55 -17.90
CA GLU B 200 -16.09 17.12 -16.57
C GLU B 200 -16.70 18.53 -16.57
N VAL B 201 -16.99 19.07 -17.74
CA VAL B 201 -17.56 20.42 -17.85
C VAL B 201 -18.88 20.63 -17.10
N LEU B 202 -19.76 19.64 -17.17
CA LEU B 202 -21.07 19.75 -16.51
C LEU B 202 -21.05 19.39 -15.03
N LEU B 203 -20.12 18.52 -14.65
CA LEU B 203 -20.01 18.05 -13.27
C LEU B 203 -20.25 19.09 -12.18
N LEU B 204 -19.58 20.24 -12.28
CA LEU B 204 -19.73 21.28 -11.28
C LEU B 204 -20.63 22.41 -11.74
N SER B 205 -21.49 22.12 -12.71
CA SER B 205 -22.40 23.12 -13.25
C SER B 205 -23.86 22.77 -13.00
N PRO B 206 -24.71 23.79 -12.77
CA PRO B 206 -26.14 23.59 -12.52
C PRO B 206 -26.86 23.37 -13.85
N HIS B 207 -26.18 23.71 -14.93
CA HIS B 207 -26.71 23.59 -16.29
C HIS B 207 -26.53 22.19 -16.86
N SER B 208 -27.12 21.94 -18.02
CA SER B 208 -27.05 20.63 -18.64
C SER B 208 -26.34 20.60 -19.99
N THR B 209 -25.95 21.76 -20.49
CA THR B 209 -25.23 21.82 -21.76
C THR B 209 -23.88 22.53 -21.55
N PRO B 210 -22.83 22.06 -22.23
CA PRO B 210 -21.49 22.64 -22.10
C PRO B 210 -21.46 24.16 -22.29
N GLU B 211 -22.20 24.65 -23.27
CA GLU B 211 -22.25 26.08 -23.55
C GLU B 211 -22.70 26.85 -22.30
N ARG B 212 -23.89 26.50 -21.81
CA ARG B 212 -24.43 27.14 -20.62
C ARG B 212 -23.44 26.98 -19.46
N ALA B 213 -22.89 25.78 -19.34
CA ALA B 213 -21.92 25.48 -18.29
C ALA B 213 -20.72 26.42 -18.34
N ILE B 214 -20.11 26.52 -19.52
CA ILE B 214 -18.94 27.38 -19.71
C ILE B 214 -19.29 28.85 -19.53
N ALA B 215 -20.39 29.29 -20.14
CA ALA B 215 -20.81 30.68 -20.01
C ALA B 215 -21.18 30.95 -18.56
N GLY B 216 -21.69 29.92 -17.90
CA GLY B 216 -22.07 30.07 -16.50
C GLY B 216 -20.87 30.33 -15.63
N PHE B 217 -19.83 29.51 -15.83
CA PHE B 217 -18.57 29.63 -15.07
C PHE B 217 -18.00 31.04 -15.18
N LEU B 218 -17.98 31.56 -16.40
CA LEU B 218 -17.47 32.90 -16.65
C LEU B 218 -18.29 33.94 -15.89
N GLU B 219 -19.62 33.77 -15.84
CA GLU B 219 -20.47 34.70 -15.12
C GLU B 219 -20.16 34.67 -13.63
N GLU B 220 -20.00 33.46 -13.09
CA GLU B 220 -19.71 33.29 -11.68
C GLU B 220 -18.45 34.05 -11.28
N GLY B 221 -17.52 34.20 -12.21
CA GLY B 221 -16.29 34.92 -11.90
C GLY B 221 -15.04 34.32 -12.51
N VAL B 222 -15.16 33.13 -13.08
CA VAL B 222 -14.01 32.48 -13.70
C VAL B 222 -13.57 33.33 -14.90
N LYS B 223 -12.26 33.55 -15.01
CA LYS B 223 -11.73 34.37 -16.08
C LYS B 223 -11.47 33.56 -17.33
N GLU B 224 -11.00 32.33 -17.16
CA GLU B 224 -10.70 31.47 -18.29
C GLU B 224 -11.14 30.04 -18.05
N VAL B 225 -11.61 29.41 -19.12
CA VAL B 225 -12.04 28.03 -19.08
C VAL B 225 -11.35 27.34 -20.24
N ILE B 226 -10.55 26.33 -19.93
CA ILE B 226 -9.84 25.57 -20.95
C ILE B 226 -10.39 24.15 -20.91
N VAL B 227 -10.93 23.70 -22.04
CA VAL B 227 -11.50 22.38 -22.12
C VAL B 227 -10.65 21.40 -22.92
N LYS B 228 -10.29 20.31 -22.26
CA LYS B 228 -9.48 19.25 -22.88
C LYS B 228 -10.47 18.23 -23.42
N ARG B 229 -10.54 18.13 -24.75
CA ARG B 229 -11.47 17.21 -25.40
C ARG B 229 -10.85 15.88 -25.79
N GLY B 230 -10.18 15.24 -24.85
CA GLY B 230 -9.55 13.96 -25.13
C GLY B 230 -8.81 13.94 -26.45
N ASN B 231 -9.23 13.07 -27.35
CA ASN B 231 -8.59 12.96 -28.67
C ASN B 231 -9.43 13.71 -29.71
N GLN B 232 -9.87 14.90 -29.34
CA GLN B 232 -10.66 15.73 -30.24
C GLN B 232 -10.20 17.18 -30.15
N GLY B 233 -9.03 17.38 -29.56
CA GLY B 233 -8.50 18.72 -29.41
C GLY B 233 -8.91 19.35 -28.10
N ALA B 234 -8.89 20.67 -28.05
CA ALA B 234 -9.25 21.40 -26.84
C ALA B 234 -9.78 22.77 -27.21
N SER B 235 -10.31 23.48 -26.22
CA SER B 235 -10.85 24.80 -26.48
C SER B 235 -10.58 25.79 -25.36
N TYR B 236 -10.44 27.05 -25.76
CA TYR B 236 -10.19 28.14 -24.83
C TYR B 236 -11.42 29.05 -24.76
N TYR B 237 -11.85 29.39 -23.56
CA TYR B 237 -13.02 30.25 -23.42
C TYR B 237 -12.82 31.42 -22.47
N SER B 238 -13.09 32.63 -22.98
CA SER B 238 -12.97 33.83 -22.17
C SER B 238 -14.12 34.75 -22.57
N ALA B 239 -14.52 35.63 -21.66
CA ALA B 239 -15.60 36.56 -21.93
C ALA B 239 -15.31 37.35 -23.21
N ASN B 240 -14.04 37.65 -23.43
CA ASN B 240 -13.61 38.42 -24.59
C ASN B 240 -13.37 37.62 -25.87
N GLU B 241 -13.13 36.31 -25.76
CA GLU B 241 -12.89 35.51 -26.96
C GLU B 241 -13.20 34.03 -26.77
N GLN B 242 -13.01 33.27 -27.83
CA GLN B 242 -13.29 31.85 -27.83
C GLN B 242 -12.69 31.18 -29.06
N PHE B 243 -12.03 30.03 -28.87
CA PHE B 243 -11.44 29.31 -29.99
C PHE B 243 -11.04 27.88 -29.62
N HIS B 244 -10.83 27.05 -30.63
CA HIS B 244 -10.50 25.65 -30.44
C HIS B 244 -9.39 25.16 -31.38
N VAL B 245 -8.72 24.08 -30.99
CA VAL B 245 -7.66 23.48 -31.79
C VAL B 245 -7.95 21.99 -31.91
N GLU B 246 -7.47 21.37 -32.97
CA GLU B 246 -7.71 19.95 -33.18
C GLU B 246 -6.67 19.05 -32.55
N SER B 247 -7.04 17.79 -32.35
CA SER B 247 -6.15 16.79 -31.76
C SER B 247 -5.14 16.32 -32.79
N TYR B 248 -3.99 15.87 -32.30
CA TYR B 248 -2.94 15.36 -33.16
C TYR B 248 -3.11 13.84 -33.19
N PRO B 249 -2.99 13.22 -34.37
CA PRO B 249 -3.14 11.77 -34.43
C PRO B 249 -1.91 11.05 -33.90
N VAL B 250 -2.03 10.42 -32.74
CA VAL B 250 -0.90 9.71 -32.13
C VAL B 250 -1.25 8.32 -31.62
N GLU B 251 -0.21 7.48 -31.51
CA GLU B 251 -0.35 6.12 -31.03
C GLU B 251 -0.46 6.11 -29.49
N GLU B 252 -1.67 6.21 -28.98
CA GLU B 252 -1.86 6.23 -27.53
C GLU B 252 -1.34 4.96 -26.85
N VAL B 253 -0.64 5.15 -25.74
CA VAL B 253 -0.05 4.06 -24.99
C VAL B 253 -0.43 4.12 -23.51
N ASP B 254 -0.52 5.34 -22.98
CA ASP B 254 -0.85 5.55 -21.58
C ASP B 254 -1.40 6.96 -21.38
N PRO B 255 -2.71 7.09 -21.14
CA PRO B 255 -3.38 8.38 -20.92
C PRO B 255 -3.30 8.90 -19.49
N THR B 256 -2.88 8.05 -18.55
CA THR B 256 -2.78 8.40 -17.15
C THR B 256 -2.40 9.86 -16.83
N GLY B 257 -1.41 10.39 -17.53
CA GLY B 257 -1.00 11.76 -17.25
C GLY B 257 -1.07 12.73 -18.41
N ALA B 258 -1.96 12.49 -19.36
CA ALA B 258 -2.10 13.39 -20.51
C ALA B 258 -2.78 14.69 -20.10
N GLY B 259 -3.72 14.58 -19.17
CA GLY B 259 -4.41 15.75 -18.71
C GLY B 259 -3.52 16.59 -17.81
N ASP B 260 -2.73 15.92 -16.98
CA ASP B 260 -1.83 16.62 -16.06
C ASP B 260 -0.76 17.37 -16.88
N CYS B 261 -0.25 16.71 -17.92
CA CYS B 261 0.75 17.31 -18.78
C CYS B 261 0.17 18.47 -19.58
N PHE B 262 -1.05 18.29 -20.10
CA PHE B 262 -1.71 19.33 -20.86
C PHE B 262 -1.78 20.57 -19.99
N GLY B 263 -2.24 20.36 -18.75
CA GLY B 263 -2.38 21.46 -17.81
C GLY B 263 -1.08 22.09 -17.41
N GLY B 264 -0.03 21.27 -17.28
CA GLY B 264 1.27 21.80 -16.92
C GLY B 264 1.76 22.73 -18.00
N ALA B 265 1.65 22.26 -19.24
CA ALA B 265 2.06 23.04 -20.39
C ALA B 265 1.28 24.35 -20.47
N TRP B 266 -0.04 24.30 -20.27
CA TRP B 266 -0.85 25.52 -20.33
C TRP B 266 -0.42 26.54 -19.28
N ILE B 267 -0.35 26.11 -18.03
CA ILE B 267 0.04 27.02 -16.96
C ILE B 267 1.44 27.58 -17.16
N ALA B 268 2.38 26.71 -17.52
CA ALA B 268 3.76 27.15 -17.71
C ALA B 268 3.88 28.06 -18.93
N CYS B 269 3.26 27.67 -20.04
CA CYS B 269 3.33 28.50 -21.23
C CYS B 269 2.81 29.90 -20.99
N ARG B 270 1.70 29.99 -20.26
CA ARG B 270 1.12 31.28 -19.95
C ARG B 270 2.07 32.07 -19.05
N GLN B 271 2.77 31.38 -18.14
CA GLN B 271 3.73 32.07 -17.28
C GLN B 271 4.86 32.63 -18.15
N LEU B 272 5.15 31.94 -19.25
CA LEU B 272 6.22 32.36 -20.14
C LEU B 272 5.78 33.44 -21.12
N GLY B 273 4.58 33.97 -20.96
CA GLY B 273 4.11 35.03 -21.83
C GLY B 273 3.37 34.66 -23.12
N PHE B 274 3.16 33.37 -23.36
CA PHE B 274 2.44 32.95 -24.58
C PHE B 274 1.00 33.47 -24.54
N ASP B 275 0.45 33.77 -25.72
CA ASP B 275 -0.94 34.23 -25.76
C ASP B 275 -1.83 32.98 -25.70
N ALA B 276 -3.11 33.17 -25.46
CA ALA B 276 -4.06 32.05 -25.35
C ALA B 276 -4.01 31.07 -26.52
N HIS B 277 -3.77 31.57 -27.73
CA HIS B 277 -3.71 30.72 -28.92
C HIS B 277 -2.46 29.85 -28.96
N ARG B 278 -1.31 30.44 -28.66
CA ARG B 278 -0.06 29.69 -28.64
C ARG B 278 -0.12 28.67 -27.51
N ALA B 279 -0.50 29.15 -26.33
CA ALA B 279 -0.60 28.29 -25.16
C ALA B 279 -1.50 27.08 -25.40
N LEU B 280 -2.65 27.29 -26.05
CA LEU B 280 -3.56 26.20 -26.31
C LEU B 280 -2.97 25.14 -27.24
N GLN B 281 -2.39 25.54 -28.38
CA GLN B 281 -1.82 24.55 -29.29
C GLN B 281 -0.66 23.80 -28.64
N TYR B 282 0.07 24.48 -27.77
CA TYR B 282 1.20 23.85 -27.07
C TYR B 282 0.68 22.86 -26.03
N ALA B 283 -0.29 23.29 -25.23
CA ALA B 283 -0.84 22.41 -24.22
C ALA B 283 -1.35 21.14 -24.91
N ASN B 284 -2.02 21.33 -26.04
CA ASN B 284 -2.57 20.24 -26.82
C ASN B 284 -1.47 19.32 -27.32
N ALA B 285 -0.44 19.91 -27.91
CA ALA B 285 0.68 19.12 -28.41
C ALA B 285 1.35 18.37 -27.25
N CYS B 286 1.47 19.03 -26.10
CA CYS B 286 2.09 18.41 -24.93
C CYS B 286 1.28 17.18 -24.51
N GLY B 287 -0.03 17.35 -24.38
CA GLY B 287 -0.87 16.24 -23.99
C GLY B 287 -0.77 15.10 -24.98
N ALA B 288 -0.66 15.44 -26.26
CA ALA B 288 -0.55 14.42 -27.31
C ALA B 288 0.76 13.65 -27.18
N LEU B 289 1.86 14.37 -26.98
CA LEU B 289 3.17 13.71 -26.83
C LEU B 289 3.19 12.82 -25.60
N ALA B 290 2.52 13.26 -24.54
CA ALA B 290 2.51 12.50 -23.30
C ALA B 290 1.95 11.08 -23.44
N VAL B 291 0.75 10.96 -24.00
CA VAL B 291 0.11 9.65 -24.15
C VAL B 291 0.90 8.63 -24.97
N THR B 292 1.92 9.08 -25.67
CA THR B 292 2.70 8.15 -26.50
C THR B 292 3.75 7.35 -25.73
N ARG B 293 3.92 7.61 -24.44
CA ARG B 293 4.91 6.87 -23.67
C ARG B 293 4.32 6.22 -22.43
N ARG B 294 4.77 5.01 -22.14
CA ARG B 294 4.27 4.26 -20.99
C ARG B 294 4.88 4.80 -19.70
N GLY B 295 4.04 5.09 -18.71
CA GLY B 295 4.51 5.62 -17.45
C GLY B 295 3.83 6.95 -17.16
N PRO B 296 3.25 7.12 -15.97
CA PRO B 296 2.54 8.35 -15.57
C PRO B 296 3.29 9.66 -15.82
N MSE B 297 4.55 9.70 -15.40
CA MSE B 297 5.37 10.90 -15.53
C MSE B 297 6.52 10.75 -16.53
O MSE B 297 7.48 11.50 -16.47
CB MSE B 297 5.94 11.26 -14.15
CG MSE B 297 6.45 12.68 -13.99
SE MSE B 297 7.30 12.95 -12.28
CE MSE B 297 5.75 12.78 -11.11
N GLU B 298 6.40 9.80 -17.44
CA GLU B 298 7.48 9.58 -18.40
C GLU B 298 7.24 10.21 -19.77
N GLY B 299 6.12 10.91 -19.90
CA GLY B 299 5.79 11.53 -21.17
C GLY B 299 5.93 13.05 -21.19
N THR B 300 6.47 13.64 -20.13
CA THR B 300 6.63 15.09 -20.07
C THR B 300 7.58 15.53 -21.19
N SER B 301 7.50 16.80 -21.59
CA SER B 301 8.34 17.30 -22.69
C SER B 301 8.93 18.68 -22.47
N ARG B 302 9.99 18.98 -23.21
CA ARG B 302 10.63 20.29 -23.13
C ARG B 302 9.93 21.19 -24.14
N LEU B 303 10.04 22.50 -23.95
CA LEU B 303 9.37 23.43 -24.84
C LEU B 303 9.58 23.16 -26.33
N MSE B 304 10.84 23.09 -26.76
CA MSE B 304 11.11 22.86 -28.17
C MSE B 304 10.78 21.47 -28.70
O MSE B 304 10.70 21.26 -29.90
CB MSE B 304 12.56 23.24 -28.49
CG MSE B 304 12.85 24.72 -28.31
SE MSE B 304 11.61 25.92 -29.26
CE MSE B 304 12.32 25.70 -31.05
N GLU B 305 10.58 20.50 -27.81
CA GLU B 305 10.19 19.18 -28.28
C GLU B 305 8.73 19.33 -28.69
N ILE B 306 7.98 20.15 -27.95
CA ILE B 306 6.59 20.41 -28.26
C ILE B 306 6.53 21.20 -29.57
N GLU B 307 7.37 22.21 -29.66
CA GLU B 307 7.46 23.06 -30.84
C GLU B 307 7.69 22.18 -32.09
N THR B 308 8.69 21.30 -32.01
CA THR B 308 9.03 20.41 -33.12
C THR B 308 7.90 19.43 -33.43
N PHE B 309 7.29 18.87 -32.40
CA PHE B 309 6.19 17.93 -32.58
C PHE B 309 5.15 18.60 -33.48
N ILE B 310 4.75 19.81 -33.09
CA ILE B 310 3.77 20.59 -33.83
C ILE B 310 4.21 20.82 -35.28
N GLN B 311 5.45 21.27 -35.47
CA GLN B 311 6.00 21.55 -36.80
C GLN B 311 5.89 20.35 -37.72
N ARG B 312 6.61 19.29 -37.37
CA ARG B 312 6.64 18.06 -38.16
C ARG B 312 5.25 17.59 -38.58
N HIS B 313 4.24 17.95 -37.81
CA HIS B 313 2.87 17.58 -38.15
C HIS B 313 2.22 18.66 -39.01
#